data_6KYW
#
_entry.id   6KYW
#
_cell.length_a   143.562
_cell.length_b   143.562
_cell.length_c   194.401
_cell.angle_alpha   90.000
_cell.angle_beta   90.000
_cell.angle_gamma   90.000
#
_symmetry.space_group_name_H-M   'P 41 21 2'
#
loop_
_entity.id
_entity.type
_entity.pdbx_description
1 polymer 'Receptor protein kinase SRK8'
2 polymer 'S locus protein 11'
3 non-polymer 2-acetamido-2-deoxy-beta-D-glucopyranose
4 water water
#
loop_
_entity_poly.entity_id
_entity_poly.type
_entity_poly.pdbx_seq_one_letter_code
_entity_poly.pdbx_strand_id
1 'polypeptide(L)'
;MQGVRYIYHHFYTSLLVFVVMILFRSALSIYINTLSSTESLTISNNRTLVSPGDVFELGFFTPGSSSRWYLGIWYKKLSE
RTYVWVANRDNPLSNSTGTLKISGNNLVLRGDSNKSIWSTNLTRGNERSPVVAELLANGNFVMRDSNNNDASGFLWQSFD
YPTDTLLPEMKLGYDLKTGRNRFLTSSRNSDDPSSGDYSYKLEPRRLPEFYLLQGDVREHRSGPWNGIQFSGIPEDQKSS
YMVYNFTENSEEVAYTFRMTNNSFYSRLTINSEGYLERLTWAPSSGAWNVFWSSPNHQCDMYRMCGPYSYCDVNTSPSCN
CIQGFNPGNVQQWALRNQISGCKRRTRLSCNGDGFTRMKNIKLPDTRMAIVDRSIGLKECEKRCLSDCNCTAFANADIRN
RVTGCVIWTGELEDMRNYAEGGQDLYVRLAAADSRLEVLFQGP
;
A,B
2 'polypeptide(L)' RCTRGFRKLGKCTTLEEEKCKTLYPRGQCTCSDSKMNTHSCDCKSC C,D
#
# COMPACT_ATOMS: atom_id res chain seq x y z
N ASN A 33 -21.31 -42.11 9.51
CA ASN A 33 -22.31 -41.73 8.50
C ASN A 33 -22.57 -40.24 8.57
N THR A 34 -22.19 -39.64 9.71
CA THR A 34 -22.21 -38.18 9.84
C THR A 34 -21.39 -37.53 8.75
N LEU A 35 -20.50 -38.30 8.15
CA LEU A 35 -19.29 -37.80 7.53
C LEU A 35 -19.18 -38.17 6.05
N SER A 36 -19.90 -39.21 5.60
CA SER A 36 -19.83 -39.69 4.23
C SER A 36 -21.18 -39.57 3.52
N SER A 37 -21.12 -39.65 2.19
CA SER A 37 -22.28 -39.64 1.30
C SER A 37 -22.10 -40.76 0.29
N THR A 38 -23.17 -41.50 -0.01
CA THR A 38 -22.98 -42.76 -0.75
C THR A 38 -23.96 -42.98 -1.90
N GLU A 39 -25.01 -43.78 -1.67
CA GLU A 39 -26.10 -43.88 -2.62
C GLU A 39 -27.17 -42.83 -2.36
N SER A 40 -26.95 -41.96 -1.37
CA SER A 40 -27.89 -40.95 -0.91
C SER A 40 -27.62 -39.62 -1.60
N LEU A 41 -28.45 -38.63 -1.29
CA LEU A 41 -28.26 -37.27 -1.77
C LEU A 41 -28.10 -36.32 -0.59
N THR A 42 -27.49 -35.16 -0.85
CA THR A 42 -27.33 -34.08 0.14
C THR A 42 -27.96 -32.88 -0.54
N ILE A 43 -29.00 -32.31 0.08
CA ILE A 43 -29.68 -31.15 -0.49
C ILE A 43 -29.95 -30.10 0.59
N SER A 44 -30.32 -28.91 0.15
CA SER A 44 -30.60 -27.81 1.07
C SER A 44 -31.81 -28.09 1.96
N ASN A 45 -32.31 -29.31 1.91
CA ASN A 45 -33.46 -29.71 2.71
C ASN A 45 -33.36 -31.19 3.08
N ASN A 46 -32.49 -31.53 4.03
CA ASN A 46 -31.49 -30.60 4.56
C ASN A 46 -30.46 -31.31 5.44
N ARG A 47 -29.45 -31.89 4.80
CA ARG A 47 -28.39 -32.60 5.52
C ARG A 47 -27.02 -32.05 5.18
N THR A 48 -26.06 -32.25 6.07
CA THR A 48 -24.70 -31.77 5.87
C THR A 48 -23.75 -32.80 6.43
N LEU A 49 -22.53 -32.76 5.91
CA LEU A 49 -21.48 -33.67 6.33
C LEU A 49 -20.57 -32.91 7.27
N VAL A 50 -20.13 -33.57 8.32
CA VAL A 50 -19.31 -32.93 9.31
C VAL A 50 -18.11 -33.81 9.46
N SER A 51 -17.00 -33.25 9.91
CA SER A 51 -15.76 -33.97 10.03
C SER A 51 -15.45 -34.60 11.35
N PRO A 52 -14.65 -35.72 11.27
CA PRO A 52 -14.33 -36.33 12.54
C PRO A 52 -13.42 -35.35 13.22
N GLY A 53 -13.98 -34.63 14.20
CA GLY A 53 -13.24 -33.63 14.94
C GLY A 53 -14.03 -32.35 15.12
N ASP A 54 -15.14 -32.24 14.39
CA ASP A 54 -16.01 -31.09 14.43
C ASP A 54 -15.39 -29.78 13.95
N VAL A 55 -14.29 -29.85 13.18
CA VAL A 55 -13.71 -28.61 12.71
C VAL A 55 -14.35 -28.05 11.47
N PHE A 56 -14.72 -28.92 10.57
CA PHE A 56 -15.31 -28.49 9.30
C PHE A 56 -16.67 -29.06 9.05
N GLU A 57 -17.40 -28.44 8.14
CA GLU A 57 -18.75 -28.88 7.83
C GLU A 57 -19.04 -28.56 6.36
N LEU A 58 -19.50 -29.55 5.61
CA LEU A 58 -19.84 -29.37 4.20
C LEU A 58 -21.35 -29.30 4.02
N GLY A 59 -21.81 -28.33 3.25
CA GLY A 59 -23.22 -28.26 2.90
C GLY A 59 -23.47 -27.14 1.92
N PHE A 60 -24.73 -26.76 1.83
CA PHE A 60 -25.08 -25.61 1.00
C PHE A 60 -25.09 -24.34 1.86
N PHE A 61 -25.11 -23.21 1.18
CA PHE A 61 -25.13 -21.91 1.82
C PHE A 61 -25.41 -20.88 0.76
N THR A 62 -25.91 -19.72 1.18
CA THR A 62 -25.99 -18.57 0.31
C THR A 62 -25.77 -17.27 1.07
N PRO A 63 -24.92 -16.38 0.54
CA PRO A 63 -24.54 -15.19 1.30
C PRO A 63 -25.24 -13.93 0.83
N GLY A 64 -25.37 -12.98 1.75
CA GLY A 64 -25.78 -11.60 1.55
C GLY A 64 -27.11 -11.45 0.86
N SER A 65 -27.21 -10.37 0.08
CA SER A 65 -28.45 -10.05 -0.63
C SER A 65 -28.75 -11.07 -1.74
N SER A 66 -27.73 -11.77 -2.23
CA SER A 66 -27.90 -12.63 -3.39
C SER A 66 -28.70 -13.88 -3.05
N SER A 67 -29.45 -14.36 -4.03
CA SER A 67 -30.21 -15.60 -3.93
C SER A 67 -29.46 -16.80 -4.51
N ARG A 68 -28.16 -16.65 -4.76
CA ARG A 68 -27.35 -17.70 -5.40
C ARG A 68 -26.91 -18.73 -4.37
N TRP A 69 -27.03 -20.01 -4.70
CA TRP A 69 -26.66 -21.06 -3.76
C TRP A 69 -25.40 -21.79 -4.22
N TYR A 70 -24.61 -22.23 -3.23
CA TYR A 70 -23.29 -22.80 -3.43
C TYR A 70 -23.09 -23.95 -2.46
N LEU A 71 -22.27 -24.91 -2.86
CA LEU A 71 -21.83 -25.98 -1.98
C LEU A 71 -20.40 -25.72 -1.55
N GLY A 72 -20.06 -26.04 -0.30
CA GLY A 72 -18.71 -25.77 0.15
C GLY A 72 -18.48 -26.23 1.58
N ILE A 73 -17.26 -25.96 2.05
CA ILE A 73 -16.84 -26.32 3.40
C ILE A 73 -16.61 -25.03 4.20
N TRP A 74 -16.81 -25.12 5.51
CA TRP A 74 -16.59 -24.00 6.43
C TRP A 74 -16.22 -24.56 7.79
N TYR A 75 -15.72 -23.69 8.64
CA TYR A 75 -15.46 -24.06 10.03
C TYR A 75 -16.80 -24.14 10.76
N LYS A 76 -17.03 -25.23 11.48
CA LYS A 76 -18.35 -25.40 12.07
C LYS A 76 -18.50 -24.61 13.36
N LYS A 77 -17.45 -24.56 14.18
CA LYS A 77 -17.49 -23.88 15.47
C LYS A 77 -17.41 -22.35 15.39
N LEU A 78 -17.51 -21.75 14.20
CA LEU A 78 -17.28 -20.32 14.06
C LEU A 78 -18.57 -19.64 13.65
N SER A 79 -19.07 -18.74 14.50
CA SER A 79 -20.37 -18.12 14.25
C SER A 79 -20.35 -17.25 12.99
N GLU A 80 -19.27 -16.48 12.78
CA GLU A 80 -19.08 -15.87 11.47
C GLU A 80 -18.59 -16.95 10.50
N ARG A 81 -19.30 -17.10 9.39
CA ARG A 81 -18.98 -18.13 8.41
C ARG A 81 -17.65 -17.82 7.73
N THR A 82 -16.70 -18.75 7.82
CA THR A 82 -15.42 -18.73 7.14
C THR A 82 -15.37 -19.93 6.20
N TYR A 83 -15.52 -19.70 4.90
CA TYR A 83 -15.55 -20.77 3.89
C TYR A 83 -14.15 -21.09 3.37
N VAL A 84 -13.81 -22.38 3.34
CA VAL A 84 -12.49 -22.83 2.89
C VAL A 84 -12.54 -23.55 1.56
N TRP A 85 -13.70 -23.70 0.94
CA TRP A 85 -13.80 -24.36 -0.35
C TRP A 85 -15.20 -24.15 -0.89
N VAL A 86 -15.31 -24.02 -2.22
CA VAL A 86 -16.60 -23.89 -2.87
C VAL A 86 -16.55 -24.62 -4.21
N ALA A 87 -17.39 -25.64 -4.36
CA ALA A 87 -17.42 -26.42 -5.60
C ALA A 87 -17.79 -25.57 -6.79
N ASN A 88 -18.91 -24.86 -6.71
CA ASN A 88 -19.39 -24.15 -7.89
C ASN A 88 -19.23 -22.65 -7.73
N ARG A 89 -18.02 -22.22 -7.36
CA ARG A 89 -17.78 -20.80 -7.07
C ARG A 89 -18.20 -19.90 -8.23
N ASP A 90 -18.17 -20.40 -9.46
CA ASP A 90 -18.51 -19.58 -10.62
C ASP A 90 -19.75 -20.07 -11.36
N ASN A 91 -20.46 -21.07 -10.82
CA ASN A 91 -21.70 -21.57 -11.40
C ASN A 91 -22.73 -21.60 -10.27
N PRO A 92 -23.36 -20.46 -9.99
CA PRO A 92 -24.28 -20.41 -8.85
C PRO A 92 -25.56 -21.14 -9.16
N LEU A 93 -26.11 -21.81 -8.15
CA LEU A 93 -27.43 -22.40 -8.30
C LEU A 93 -28.47 -21.30 -8.46
N SER A 94 -29.21 -21.34 -9.58
CA SER A 94 -30.09 -20.26 -10.00
C SER A 94 -31.22 -19.99 -9.01
N ASN A 95 -32.18 -20.91 -8.91
CA ASN A 95 -33.28 -20.78 -7.96
C ASN A 95 -32.83 -21.31 -6.60
N SER A 96 -33.78 -21.71 -5.74
CA SER A 96 -33.45 -22.19 -4.40
C SER A 96 -33.30 -23.69 -4.34
N THR A 97 -33.11 -24.36 -5.47
CA THR A 97 -33.06 -25.81 -5.55
C THR A 97 -31.72 -26.31 -6.06
N GLY A 98 -31.21 -27.36 -5.41
CA GLY A 98 -29.98 -27.99 -5.85
C GLY A 98 -29.69 -29.21 -5.00
N THR A 99 -28.94 -30.15 -5.60
CA THR A 99 -28.69 -31.48 -5.05
C THR A 99 -27.26 -31.91 -5.34
N LEU A 100 -26.61 -32.51 -4.35
CA LEU A 100 -25.29 -33.12 -4.54
C LEU A 100 -25.41 -34.63 -4.25
N LYS A 101 -25.26 -35.45 -5.30
CA LYS A 101 -25.28 -36.90 -5.13
C LYS A 101 -24.14 -37.51 -5.93
N ILE A 102 -23.79 -38.75 -5.56
CA ILE A 102 -22.90 -39.56 -6.39
C ILE A 102 -23.69 -40.11 -7.57
N SER A 103 -23.04 -40.18 -8.75
CA SER A 103 -23.66 -40.70 -9.97
C SER A 103 -22.61 -41.49 -10.75
N GLY A 104 -22.41 -42.75 -10.34
CA GLY A 104 -21.44 -43.61 -10.96
C GLY A 104 -20.03 -43.43 -10.42
N ASN A 105 -19.14 -42.85 -11.24
CA ASN A 105 -17.76 -42.62 -10.84
C ASN A 105 -17.50 -41.17 -10.46
N ASN A 106 -18.55 -40.35 -10.30
CA ASN A 106 -18.39 -38.91 -10.18
C ASN A 106 -19.31 -38.33 -9.11
N LEU A 107 -18.82 -37.27 -8.47
CA LEU A 107 -19.65 -36.43 -7.63
C LEU A 107 -20.35 -35.40 -8.51
N VAL A 108 -21.66 -35.33 -8.41
CA VAL A 108 -22.44 -34.43 -9.26
C VAL A 108 -23.22 -33.47 -8.38
N LEU A 109 -23.61 -32.35 -8.96
CA LEU A 109 -24.34 -31.36 -8.22
C LEU A 109 -25.29 -30.73 -9.19
N ARG A 110 -26.59 -30.98 -9.02
CA ARG A 110 -27.59 -30.48 -9.97
C ARG A 110 -28.66 -29.58 -9.40
N GLY A 111 -29.29 -28.82 -10.30
CA GLY A 111 -30.35 -27.90 -9.94
C GLY A 111 -31.67 -28.03 -10.68
N ASP A 112 -32.06 -29.26 -10.99
CA ASP A 112 -33.32 -29.57 -11.69
C ASP A 112 -33.19 -29.58 -13.21
N SER A 116 -27.19 -29.54 -14.92
CA SER A 116 -25.85 -29.80 -14.43
C SER A 116 -25.17 -28.47 -14.19
N ILE A 117 -24.55 -28.34 -13.03
CA ILE A 117 -23.87 -27.13 -12.66
C ILE A 117 -22.43 -27.43 -12.36
N TRP A 118 -22.17 -28.57 -11.76
CA TRP A 118 -20.80 -28.90 -11.42
C TRP A 118 -20.65 -30.38 -11.25
N SER A 119 -19.45 -30.88 -11.45
CA SER A 119 -19.24 -32.31 -11.29
C SER A 119 -17.74 -32.61 -11.29
N THR A 120 -17.33 -33.57 -10.47
CA THR A 120 -16.05 -34.20 -10.72
C THR A 120 -16.18 -35.03 -11.99
N ASN A 121 -15.04 -35.38 -12.58
CA ASN A 121 -15.02 -36.21 -13.78
C ASN A 121 -14.01 -37.32 -13.58
N LEU A 122 -14.29 -38.49 -14.15
CA LEU A 122 -13.47 -39.69 -13.95
C LEU A 122 -13.95 -40.86 -14.82
N SER A 129 -16.23 -50.91 -8.63
CA SER A 129 -16.25 -51.03 -7.17
C SER A 129 -17.11 -49.93 -6.51
N PRO A 130 -17.30 -49.91 -5.15
CA PRO A 130 -18.19 -48.90 -4.55
C PRO A 130 -17.50 -47.61 -4.12
N VAL A 131 -18.05 -46.45 -4.54
CA VAL A 131 -17.45 -45.15 -4.30
C VAL A 131 -18.23 -44.39 -3.24
N VAL A 132 -17.51 -43.70 -2.35
CA VAL A 132 -18.12 -42.91 -1.30
C VAL A 132 -17.41 -41.56 -1.22
N ALA A 133 -18.19 -40.48 -1.03
CA ALA A 133 -17.66 -39.13 -0.88
C ALA A 133 -17.49 -38.84 0.61
N GLU A 134 -16.25 -38.72 1.06
CA GLU A 134 -15.92 -38.64 2.47
C GLU A 134 -15.19 -37.33 2.80
N LEU A 135 -15.63 -36.64 3.85
CA LEU A 135 -15.00 -35.40 4.29
C LEU A 135 -14.07 -35.70 5.46
N LEU A 136 -12.77 -35.47 5.27
CA LEU A 136 -11.77 -35.89 6.24
C LEU A 136 -11.74 -34.96 7.44
N ALA A 137 -10.93 -35.36 8.43
CA ALA A 137 -10.71 -34.52 9.60
C ALA A 137 -10.10 -33.16 9.20
N ASN A 138 -9.19 -33.16 8.22
CA ASN A 138 -8.45 -31.96 7.83
C ASN A 138 -9.24 -31.04 6.91
N GLY A 139 -10.45 -31.39 6.52
CA GLY A 139 -11.25 -30.54 5.66
C GLY A 139 -11.24 -30.94 4.21
N ASN A 140 -10.54 -32.02 3.85
CA ASN A 140 -10.51 -32.48 2.48
C ASN A 140 -11.72 -33.36 2.16
N PHE A 141 -12.51 -32.95 1.18
CA PHE A 141 -13.62 -33.76 0.66
C PHE A 141 -13.08 -34.68 -0.41
N VAL A 142 -12.96 -35.98 -0.11
CA VAL A 142 -12.36 -36.93 -1.03
C VAL A 142 -13.42 -37.88 -1.59
N MET A 143 -13.12 -38.42 -2.78
CA MET A 143 -13.86 -39.54 -3.34
C MET A 143 -13.03 -40.80 -3.18
N ARG A 144 -13.64 -41.84 -2.62
CA ARG A 144 -12.96 -43.04 -2.17
C ARG A 144 -13.53 -44.27 -2.87
N ASP A 145 -12.72 -45.32 -2.96
CA ASP A 145 -13.23 -46.67 -3.19
C ASP A 145 -13.56 -47.25 -1.83
N SER A 146 -14.83 -47.62 -1.62
CA SER A 146 -15.29 -48.06 -0.30
C SER A 146 -14.43 -49.19 0.26
N ASN A 147 -13.83 -50.00 -0.61
CA ASN A 147 -12.88 -51.03 -0.21
C ASN A 147 -11.76 -50.46 0.67
N SER A 152 -4.17 -42.00 0.87
CA SER A 152 -4.24 -43.37 0.34
C SER A 152 -4.13 -43.35 -1.19
N GLY A 153 -5.26 -43.58 -1.85
CA GLY A 153 -5.35 -43.48 -3.28
C GLY A 153 -6.68 -42.88 -3.66
N PHE A 154 -6.98 -41.70 -3.13
CA PHE A 154 -8.27 -41.07 -3.36
C PHE A 154 -8.49 -40.86 -4.86
N LEU A 155 -9.74 -41.01 -5.27
CA LEU A 155 -10.08 -40.79 -6.66
C LEU A 155 -10.09 -39.30 -6.98
N TRP A 156 -10.40 -38.47 -5.98
CA TRP A 156 -10.59 -37.04 -6.16
C TRP A 156 -10.53 -36.42 -4.76
N GLN A 157 -10.15 -35.15 -4.71
CA GLN A 157 -10.14 -34.46 -3.43
C GLN A 157 -10.25 -32.97 -3.69
N SER A 158 -10.96 -32.28 -2.79
CA SER A 158 -11.12 -30.83 -2.89
C SER A 158 -9.80 -30.10 -2.67
N PHE A 159 -8.90 -30.65 -1.85
CA PHE A 159 -7.57 -30.08 -1.61
C PHE A 159 -6.80 -29.79 -2.90
N ASP A 160 -7.09 -30.53 -3.97
CA ASP A 160 -6.40 -30.33 -5.24
C ASP A 160 -7.04 -29.26 -6.09
N TYR A 161 -8.25 -28.82 -5.73
CA TYR A 161 -8.97 -27.78 -6.46
C TYR A 161 -9.28 -26.62 -5.52
N PRO A 162 -8.26 -25.85 -5.13
CA PRO A 162 -8.47 -24.80 -4.11
C PRO A 162 -9.20 -23.60 -4.69
N THR A 163 -9.72 -22.78 -3.77
CA THR A 163 -10.34 -21.52 -4.13
C THR A 163 -9.39 -20.40 -3.72
N ASP A 164 -9.57 -19.79 -2.55
CA ASP A 164 -8.72 -18.69 -2.11
C ASP A 164 -7.96 -19.03 -0.85
N THR A 165 -8.02 -20.27 -0.38
CA THR A 165 -7.55 -20.58 0.96
C THR A 165 -6.67 -21.81 0.95
N LEU A 166 -5.55 -21.72 1.64
CA LEU A 166 -4.64 -22.85 1.86
C LEU A 166 -4.84 -23.31 3.28
N LEU A 167 -5.39 -24.53 3.45
CA LEU A 167 -5.62 -25.10 4.77
C LEU A 167 -4.40 -25.88 5.24
N PRO A 168 -4.28 -26.16 6.54
CA PRO A 168 -3.18 -27.02 7.00
C PRO A 168 -3.23 -28.38 6.30
N GLU A 169 -2.05 -28.89 5.93
CA GLU A 169 -1.82 -30.14 5.20
C GLU A 169 -2.10 -30.05 3.70
N MET A 170 -2.82 -29.02 3.27
CA MET A 170 -3.06 -28.77 1.86
C MET A 170 -1.74 -28.39 1.15
N LYS A 171 -1.72 -28.52 -0.18
CA LYS A 171 -0.46 -28.33 -0.91
C LYS A 171 -0.60 -27.22 -1.93
N LEU A 172 0.27 -26.19 -1.81
CA LEU A 172 0.27 -25.04 -2.70
C LEU A 172 1.39 -25.23 -3.71
N GLY A 173 1.02 -25.48 -4.98
CA GLY A 173 2.02 -25.91 -5.95
C GLY A 173 1.68 -27.06 -6.89
N TYR A 174 2.74 -27.68 -7.41
CA TYR A 174 2.65 -28.53 -8.59
C TYR A 174 2.61 -30.01 -8.20
N ASP A 175 1.59 -30.72 -8.67
CA ASP A 175 1.53 -32.17 -8.52
C ASP A 175 2.09 -32.82 -9.79
N LEU A 176 3.23 -33.51 -9.63
CA LEU A 176 3.94 -34.06 -10.79
C LEU A 176 3.22 -35.26 -11.39
N LYS A 177 2.47 -36.01 -10.57
CA LYS A 177 1.72 -37.15 -11.08
C LYS A 177 0.66 -36.71 -12.08
N THR A 178 -0.10 -35.67 -11.75
CA THR A 178 -1.18 -35.20 -12.63
C THR A 178 -0.76 -34.10 -13.58
N GLY A 179 0.34 -33.40 -13.28
CA GLY A 179 0.64 -32.22 -14.06
C GLY A 179 -0.23 -31.03 -13.74
N ARG A 180 -0.90 -31.01 -12.58
CA ARG A 180 -1.76 -29.90 -12.20
C ARG A 180 -1.06 -28.96 -11.23
N ASN A 181 -1.26 -27.67 -11.46
CA ASN A 181 -0.78 -26.63 -10.56
C ASN A 181 -1.90 -26.20 -9.62
N ARG A 182 -1.74 -26.46 -8.33
CA ARG A 182 -2.73 -26.04 -7.33
C ARG A 182 -2.37 -24.67 -6.77
N PHE A 183 -3.19 -23.69 -7.05
CA PHE A 183 -2.91 -22.32 -6.65
C PHE A 183 -4.18 -21.63 -6.17
N LEU A 184 -4.02 -20.50 -5.46
CA LEU A 184 -5.17 -19.79 -4.92
C LEU A 184 -5.68 -18.75 -5.90
N THR A 185 -7.00 -18.56 -5.92
CA THR A 185 -7.64 -17.48 -6.66
C THR A 185 -8.58 -16.73 -5.74
N SER A 186 -8.50 -15.41 -5.75
CA SER A 186 -9.25 -14.64 -4.79
C SER A 186 -10.74 -14.61 -5.16
N SER A 187 -11.57 -14.34 -4.16
CA SER A 187 -12.99 -14.13 -4.41
C SER A 187 -13.24 -12.67 -4.78
N ARG A 188 -14.41 -12.41 -5.34
CA ARG A 188 -14.75 -11.06 -5.76
C ARG A 188 -14.83 -10.12 -4.57
N ASN A 189 -15.49 -10.54 -3.49
CA ASN A 189 -15.45 -9.82 -2.23
C ASN A 189 -15.93 -10.77 -1.14
N SER A 190 -16.03 -10.23 0.08
CA SER A 190 -16.43 -11.05 1.22
C SER A 190 -17.82 -11.65 1.03
N ASP A 191 -18.67 -10.98 0.26
CA ASP A 191 -20.07 -11.38 0.10
C ASP A 191 -20.28 -12.32 -1.07
N ASP A 192 -19.32 -12.41 -1.98
CA ASP A 192 -19.49 -13.05 -3.29
C ASP A 192 -18.29 -13.98 -3.50
N PRO A 193 -18.51 -15.30 -3.38
CA PRO A 193 -17.40 -16.26 -3.51
C PRO A 193 -16.98 -16.56 -4.94
N SER A 194 -17.53 -15.86 -5.92
CA SER A 194 -17.13 -16.04 -7.31
C SER A 194 -15.68 -15.60 -7.50
N SER A 195 -15.14 -15.94 -8.67
CA SER A 195 -13.70 -15.80 -8.91
C SER A 195 -13.34 -14.33 -9.14
N GLY A 196 -12.38 -13.84 -8.34
CA GLY A 196 -11.86 -12.49 -8.48
C GLY A 196 -10.67 -12.41 -9.41
N ASP A 197 -9.90 -11.34 -9.25
CA ASP A 197 -8.89 -10.93 -10.21
C ASP A 197 -7.47 -11.24 -9.77
N TYR A 198 -7.26 -11.93 -8.66
CA TYR A 198 -5.90 -12.20 -8.21
C TYR A 198 -5.70 -13.70 -8.01
N SER A 199 -4.45 -14.12 -8.19
CA SER A 199 -4.06 -15.48 -7.89
C SER A 199 -2.65 -15.48 -7.32
N TYR A 200 -2.35 -16.55 -6.59
CA TYR A 200 -1.03 -16.78 -6.04
C TYR A 200 -0.62 -18.18 -6.50
N LYS A 201 0.38 -18.25 -7.37
CA LYS A 201 0.64 -19.44 -8.16
C LYS A 201 2.13 -19.73 -8.25
N LEU A 202 2.49 -21.00 -8.10
CA LEU A 202 3.88 -21.41 -8.24
C LEU A 202 4.29 -21.44 -9.70
N GLU A 203 5.51 -20.98 -9.96
CA GLU A 203 6.22 -21.12 -11.22
C GLU A 203 7.27 -22.20 -11.01
N PRO A 204 7.02 -23.44 -11.45
CA PRO A 204 7.89 -24.58 -11.01
C PRO A 204 9.14 -24.73 -11.86
N ARG A 205 10.01 -23.73 -11.81
CA ARG A 205 11.24 -23.75 -12.58
C ARG A 205 12.29 -24.57 -11.84
N ARG A 206 13.53 -24.51 -12.36
CA ARG A 206 14.62 -25.20 -11.71
C ARG A 206 14.78 -24.69 -10.27
N LEU A 207 14.70 -23.37 -10.07
CA LEU A 207 14.64 -22.78 -8.74
C LEU A 207 13.30 -22.07 -8.64
N PRO A 208 12.26 -22.74 -8.15
CA PRO A 208 10.90 -22.24 -8.31
C PRO A 208 10.57 -21.13 -7.31
N GLU A 209 9.53 -20.36 -7.65
CA GLU A 209 9.07 -19.31 -6.77
C GLU A 209 7.62 -19.00 -7.13
N PHE A 210 6.96 -18.27 -6.24
CA PHE A 210 5.55 -17.95 -6.40
C PHE A 210 5.40 -16.55 -6.98
N TYR A 211 4.32 -16.35 -7.72
CA TYR A 211 3.98 -15.03 -8.21
C TYR A 211 2.56 -14.69 -7.80
N LEU A 212 2.36 -13.48 -7.28
CA LEU A 212 1.01 -12.94 -7.11
C LEU A 212 0.65 -12.24 -8.40
N LEU A 213 -0.49 -12.58 -8.97
CA LEU A 213 -0.90 -12.07 -10.26
C LEU A 213 -2.21 -11.33 -10.12
N GLN A 214 -2.34 -10.22 -10.86
CA GLN A 214 -3.65 -9.64 -11.15
C GLN A 214 -3.93 -9.86 -12.63
N GLY A 215 -4.93 -10.68 -12.91
CA GLY A 215 -5.06 -11.24 -14.23
C GLY A 215 -3.78 -12.01 -14.54
N ASP A 216 -3.10 -11.60 -15.60
CA ASP A 216 -1.83 -12.19 -15.98
C ASP A 216 -0.64 -11.30 -15.65
N VAL A 217 -0.88 -10.15 -15.04
CA VAL A 217 0.19 -9.23 -14.67
C VAL A 217 0.82 -9.67 -13.37
N ARG A 218 2.14 -9.83 -13.35
CA ARG A 218 2.86 -10.18 -12.12
C ARG A 218 3.00 -8.95 -11.21
N GLU A 219 2.30 -8.96 -10.07
CA GLU A 219 2.32 -7.86 -9.12
C GLU A 219 3.38 -8.02 -8.05
N HIS A 220 3.72 -9.25 -7.68
CA HIS A 220 4.62 -9.53 -6.58
C HIS A 220 5.17 -10.95 -6.75
N ARG A 221 6.35 -11.20 -6.17
CA ARG A 221 7.11 -12.41 -6.37
C ARG A 221 7.71 -12.89 -5.05
N SER A 222 7.62 -14.20 -4.80
CA SER A 222 7.94 -14.70 -3.47
C SER A 222 9.44 -14.71 -3.19
N GLY A 223 10.26 -14.81 -4.23
CA GLY A 223 11.66 -15.14 -4.02
C GLY A 223 11.78 -16.64 -3.92
N PRO A 224 12.97 -17.19 -4.09
CA PRO A 224 13.14 -18.64 -4.03
C PRO A 224 13.16 -19.13 -2.58
N TRP A 225 13.08 -20.45 -2.43
CA TRP A 225 13.14 -21.09 -1.13
C TRP A 225 14.60 -21.25 -0.70
N ASN A 226 14.92 -20.79 0.51
CA ASN A 226 16.30 -20.83 0.99
C ASN A 226 16.57 -22.01 1.92
N GLY A 227 15.63 -22.93 2.07
CA GLY A 227 15.76 -24.00 3.03
C GLY A 227 14.77 -23.92 4.18
N ILE A 228 14.43 -22.70 4.62
CA ILE A 228 13.47 -22.58 5.71
C ILE A 228 12.36 -21.62 5.37
N GLN A 229 12.53 -20.79 4.33
CA GLN A 229 11.47 -19.85 4.02
C GLN A 229 11.59 -19.33 2.59
N PHE A 230 10.47 -18.76 2.14
CA PHE A 230 10.37 -17.78 1.07
C PHE A 230 10.33 -16.39 1.69
N SER A 231 11.00 -15.43 1.07
CA SER A 231 11.03 -14.09 1.64
C SER A 231 9.66 -13.42 1.55
N GLY A 232 8.83 -13.81 0.58
CA GLY A 232 7.52 -13.23 0.38
C GLY A 232 6.41 -13.96 1.09
N ILE A 233 6.71 -15.08 1.74
CA ILE A 233 5.78 -15.78 2.63
C ILE A 233 6.43 -15.74 4.01
N PRO A 234 6.32 -14.62 4.72
CA PRO A 234 7.16 -14.37 5.92
C PRO A 234 6.62 -15.02 7.20
N GLU A 235 6.84 -16.32 7.32
CA GLU A 235 6.33 -17.04 8.47
C GLU A 235 7.16 -16.75 9.70
N ASP A 236 6.52 -16.91 10.85
CA ASP A 236 7.21 -16.92 12.13
C ASP A 236 7.85 -18.28 12.29
N GLN A 237 9.18 -18.35 12.09
CA GLN A 237 9.92 -19.60 12.25
C GLN A 237 9.99 -20.08 13.69
N LYS A 238 9.40 -19.37 14.64
CA LYS A 238 9.40 -19.79 16.03
C LYS A 238 7.99 -20.09 16.53
N SER A 239 7.05 -20.33 15.61
CA SER A 239 5.66 -20.52 15.98
C SER A 239 5.52 -21.70 16.94
N SER A 240 4.73 -21.48 18.00
CA SER A 240 4.46 -22.54 18.97
C SER A 240 3.56 -23.60 18.38
N TYR A 241 2.75 -23.23 17.38
CA TYR A 241 1.61 -24.06 16.96
C TYR A 241 1.60 -24.45 15.49
N MET A 242 2.68 -24.22 14.73
CA MET A 242 2.69 -24.70 13.34
C MET A 242 4.12 -24.83 12.84
N VAL A 243 4.25 -25.64 11.79
CA VAL A 243 5.50 -25.85 11.08
C VAL A 243 5.24 -25.72 9.58
N TYR A 244 6.33 -25.56 8.81
CA TYR A 244 6.24 -25.26 7.39
C TYR A 244 7.22 -26.09 6.58
N ASN A 245 6.81 -26.44 5.36
CA ASN A 245 7.72 -27.17 4.50
C ASN A 245 7.49 -26.78 3.05
N PHE A 246 8.59 -26.78 2.31
CA PHE A 246 8.56 -26.77 0.86
C PHE A 246 9.13 -28.07 0.36
N THR A 247 8.33 -28.83 -0.37
CA THR A 247 8.68 -30.16 -0.83
C THR A 247 8.97 -30.10 -2.32
N GLU A 248 10.16 -30.59 -2.69
CA GLU A 248 10.65 -30.59 -4.06
C GLU A 248 11.19 -32.00 -4.34
N ASN A 249 10.37 -32.82 -4.99
CA ASN A 249 10.74 -34.22 -5.19
C ASN A 249 10.09 -34.72 -6.49
N SER A 250 9.90 -36.04 -6.56
CA SER A 250 9.41 -36.72 -7.76
C SER A 250 7.91 -36.60 -7.92
N GLU A 251 7.18 -36.41 -6.82
CA GLU A 251 5.74 -36.34 -6.85
C GLU A 251 5.18 -34.92 -6.85
N GLU A 252 5.84 -33.97 -6.18
CA GLU A 252 5.31 -32.63 -6.04
C GLU A 252 6.42 -31.58 -5.93
N VAL A 253 6.02 -30.34 -6.19
CA VAL A 253 6.79 -29.15 -5.85
C VAL A 253 5.80 -28.24 -5.14
N ALA A 254 5.82 -28.21 -3.81
CA ALA A 254 4.68 -27.59 -3.17
C ALA A 254 5.03 -27.11 -1.76
N TYR A 255 4.41 -26.00 -1.38
CA TYR A 255 4.46 -25.50 -0.02
C TYR A 255 3.30 -26.05 0.79
N THR A 256 3.55 -26.23 2.08
CA THR A 256 2.58 -26.80 2.98
C THR A 256 2.92 -26.41 4.42
N PHE A 257 1.90 -26.24 5.25
CA PHE A 257 2.11 -26.05 6.68
C PHE A 257 1.18 -26.97 7.46
N ARG A 258 1.56 -27.25 8.71
CA ARG A 258 0.81 -28.15 9.58
C ARG A 258 0.64 -27.52 10.95
N MET A 259 -0.53 -27.73 11.56
CA MET A 259 -0.74 -27.30 12.93
C MET A 259 -0.05 -28.22 13.94
N THR A 260 0.61 -27.61 14.92
CA THR A 260 1.30 -28.31 15.99
C THR A 260 0.53 -28.29 17.33
N ASN A 261 -0.46 -27.41 17.47
CA ASN A 261 -1.40 -27.43 18.57
C ASN A 261 -2.76 -27.10 17.97
N ASN A 262 -3.71 -28.01 18.15
CA ASN A 262 -4.96 -27.96 17.40
C ASN A 262 -6.04 -27.11 18.07
N SER A 263 -5.73 -26.46 19.18
CA SER A 263 -6.66 -25.45 19.69
C SER A 263 -6.62 -24.19 18.86
N PHE A 264 -5.71 -24.13 17.88
CA PHE A 264 -5.54 -23.01 16.97
C PHE A 264 -6.08 -23.37 15.60
N TYR A 265 -6.76 -22.43 14.97
CA TYR A 265 -6.98 -22.45 13.53
C TYR A 265 -6.03 -21.45 12.88
N SER A 266 -5.36 -21.86 11.79
CA SER A 266 -4.64 -20.94 10.91
C SER A 266 -4.88 -21.30 9.45
N ARG A 267 -4.79 -20.31 8.57
CA ARG A 267 -4.96 -20.50 7.13
C ARG A 267 -4.14 -19.45 6.36
N LEU A 268 -3.90 -19.73 5.07
CA LEU A 268 -3.46 -18.70 4.13
C LEU A 268 -4.62 -18.39 3.22
N THR A 269 -4.87 -17.11 2.98
CA THR A 269 -5.97 -16.70 2.14
C THR A 269 -5.52 -15.49 1.35
N ILE A 270 -5.87 -15.45 0.06
CA ILE A 270 -5.61 -14.27 -0.74
C ILE A 270 -6.92 -13.48 -0.74
N ASN A 271 -6.88 -12.27 -0.19
CA ASN A 271 -8.11 -11.54 -0.01
C ASN A 271 -8.50 -10.84 -1.31
N SER A 272 -9.70 -10.25 -1.32
CA SER A 272 -10.27 -9.73 -2.57
C SER A 272 -9.49 -8.54 -3.15
N GLU A 273 -8.54 -7.97 -2.41
CA GLU A 273 -7.71 -6.92 -2.96
C GLU A 273 -6.36 -7.43 -3.44
N GLY A 274 -6.09 -8.71 -3.27
CA GLY A 274 -4.85 -9.30 -3.77
C GLY A 274 -3.71 -9.27 -2.79
N TYR A 275 -3.97 -9.43 -1.50
CA TYR A 275 -2.92 -9.63 -0.52
C TYR A 275 -2.98 -11.06 -0.03
N LEU A 276 -1.83 -11.70 0.05
CA LEU A 276 -1.74 -13.00 0.68
C LEU A 276 -1.57 -12.78 2.18
N GLU A 277 -2.48 -13.33 2.98
CA GLU A 277 -2.46 -13.17 4.43
C GLU A 277 -2.47 -14.53 5.11
N ARG A 278 -1.68 -14.65 6.18
CA ARG A 278 -1.91 -15.68 7.20
C ARG A 278 -2.85 -15.12 8.26
N LEU A 279 -4.04 -15.72 8.37
CA LEU A 279 -5.02 -15.39 9.39
C LEU A 279 -5.07 -16.51 10.42
N THR A 280 -4.86 -16.16 11.69
CA THR A 280 -4.88 -17.12 12.78
C THR A 280 -6.04 -16.85 13.72
N TRP A 281 -6.69 -17.93 14.18
CA TRP A 281 -7.76 -17.87 15.19
C TRP A 281 -7.26 -18.53 16.47
N ALA A 282 -7.13 -17.77 17.47
CA ALA A 282 -6.68 -18.41 18.70
C ALA A 282 -7.87 -18.62 19.63
N PRO A 283 -7.77 -19.58 20.57
CA PRO A 283 -8.84 -19.77 21.55
C PRO A 283 -9.25 -18.50 22.27
N SER A 284 -8.26 -17.71 22.72
CA SER A 284 -8.47 -16.44 23.43
C SER A 284 -9.49 -15.52 22.78
N SER A 285 -9.14 -14.94 21.63
CA SER A 285 -10.06 -14.04 20.96
C SER A 285 -11.02 -14.82 20.06
N GLY A 286 -12.08 -14.13 19.65
CA GLY A 286 -13.09 -14.73 18.82
C GLY A 286 -13.08 -14.05 17.48
N ALA A 287 -11.88 -13.87 16.93
CA ALA A 287 -11.75 -13.31 15.60
C ALA A 287 -10.52 -13.88 14.91
N TRP A 288 -10.56 -13.78 13.59
CA TRP A 288 -9.40 -14.06 12.78
C TRP A 288 -8.44 -12.89 12.88
N ASN A 289 -7.17 -13.17 13.13
CA ASN A 289 -6.15 -12.13 13.22
C ASN A 289 -5.20 -12.23 12.03
N VAL A 290 -5.03 -11.12 11.33
CA VAL A 290 -4.07 -11.09 10.25
C VAL A 290 -2.68 -11.08 10.88
N PHE A 291 -2.01 -12.23 10.83
CA PHE A 291 -0.66 -12.37 11.37
C PHE A 291 0.41 -11.81 10.43
N TRP A 292 0.22 -11.89 9.12
CA TRP A 292 1.07 -11.16 8.20
C TRP A 292 0.38 -10.99 6.86
N SER A 293 0.89 -10.03 6.10
CA SER A 293 0.29 -9.58 4.85
C SER A 293 1.39 -9.45 3.80
N SER A 294 1.09 -9.83 2.56
CA SER A 294 2.09 -9.81 1.49
C SER A 294 1.39 -9.59 0.16
N PRO A 295 1.89 -8.66 -0.68
CA PRO A 295 3.01 -7.77 -0.35
C PRO A 295 2.56 -6.66 0.60
N ASN A 296 3.47 -6.00 1.30
CA ASN A 296 3.05 -4.93 2.20
C ASN A 296 3.70 -3.58 1.91
N HIS A 297 4.67 -3.51 0.99
CA HIS A 297 5.34 -2.27 0.60
C HIS A 297 5.62 -2.22 -0.90
N GLN A 298 5.74 -1.00 -1.43
CA GLN A 298 6.08 -0.87 -2.85
C GLN A 298 7.39 -1.57 -3.17
N CYS A 299 8.32 -1.67 -2.22
CA CYS A 299 9.57 -2.41 -2.44
C CYS A 299 9.37 -3.90 -2.51
N ASP A 300 8.13 -4.36 -2.38
CA ASP A 300 7.73 -5.75 -2.57
C ASP A 300 7.02 -5.95 -3.90
N MET A 301 6.64 -4.86 -4.56
CA MET A 301 5.98 -4.96 -5.85
C MET A 301 7.02 -5.32 -6.91
N TYR A 302 6.55 -6.04 -7.93
CA TYR A 302 7.47 -6.67 -8.87
C TYR A 302 8.23 -5.62 -9.69
N ARG A 303 9.55 -5.63 -9.60
CA ARG A 303 10.38 -4.69 -10.37
C ARG A 303 10.00 -3.25 -10.05
N MET A 304 9.90 -2.95 -8.75
CA MET A 304 9.76 -1.58 -8.33
C MET A 304 11.03 -0.80 -8.68
N CYS A 305 12.16 -1.49 -8.72
CA CYS A 305 13.43 -0.96 -9.20
C CYS A 305 13.84 -1.69 -10.47
N GLY A 306 14.64 -1.00 -11.29
CA GLY A 306 15.10 -1.57 -12.53
C GLY A 306 16.27 -2.50 -12.33
N PRO A 307 16.76 -3.03 -13.43
CA PRO A 307 17.78 -4.07 -13.34
C PRO A 307 19.05 -3.60 -12.65
N TYR A 308 19.67 -4.52 -11.92
CA TYR A 308 20.92 -4.28 -11.24
C TYR A 308 20.80 -3.21 -10.16
N SER A 309 19.58 -2.80 -9.82
CA SER A 309 19.34 -2.02 -8.63
C SER A 309 18.44 -2.80 -7.69
N TYR A 310 18.47 -2.41 -6.42
CA TYR A 310 17.60 -2.97 -5.40
C TYR A 310 16.78 -1.88 -4.71
N CYS A 311 15.60 -2.29 -4.27
CA CYS A 311 14.69 -1.41 -3.55
C CYS A 311 15.02 -1.43 -2.05
N ASP A 312 14.88 -0.28 -1.39
CA ASP A 312 15.18 -0.13 0.04
C ASP A 312 14.07 0.70 0.68
N VAL A 313 13.51 0.23 1.79
CA VAL A 313 12.44 0.99 2.46
C VAL A 313 13.01 2.20 3.21
N ASN A 314 14.31 2.21 3.48
CA ASN A 314 14.97 3.28 4.21
C ASN A 314 15.50 4.44 3.36
N THR A 315 15.33 4.43 2.04
CA THR A 315 15.99 5.44 1.21
C THR A 315 14.97 6.18 0.36
N SER A 316 15.33 7.41 -0.02
CA SER A 316 14.55 8.18 -0.97
C SER A 316 15.53 8.71 -2.02
N PRO A 317 15.42 8.28 -3.29
CA PRO A 317 14.39 7.34 -3.76
C PRO A 317 14.68 5.91 -3.30
N SER A 318 13.72 5.00 -3.58
CA SER A 318 13.84 3.61 -3.14
C SER A 318 15.04 2.91 -3.76
N CYS A 319 15.26 3.12 -5.06
CA CYS A 319 16.17 2.25 -5.82
C CYS A 319 17.61 2.68 -5.61
N ASN A 320 18.49 1.68 -5.56
CA ASN A 320 19.92 1.86 -5.31
C ASN A 320 20.72 0.97 -6.25
N CYS A 321 21.69 1.55 -6.94
CA CYS A 321 22.59 0.75 -7.76
C CYS A 321 23.32 -0.27 -6.90
N ILE A 322 23.51 -1.45 -7.47
CA ILE A 322 24.50 -2.36 -6.90
C ILE A 322 25.87 -1.71 -7.03
N GLN A 323 26.70 -1.95 -6.03
CA GLN A 323 28.04 -1.38 -6.03
C GLN A 323 28.80 -1.85 -7.26
N GLY A 324 29.54 -0.91 -7.86
CA GLY A 324 30.18 -1.15 -9.14
C GLY A 324 29.32 -0.79 -10.33
N PHE A 325 28.08 -0.30 -10.10
CA PHE A 325 27.11 0.02 -11.14
C PHE A 325 26.69 1.46 -10.99
N ASN A 326 26.14 2.04 -12.05
CA ASN A 326 25.74 3.44 -12.03
C ASN A 326 24.38 3.54 -12.73
N PRO A 327 23.63 4.60 -12.45
CA PRO A 327 22.30 4.74 -13.09
C PRO A 327 22.41 4.66 -14.60
N GLY A 328 21.42 4.02 -15.22
CA GLY A 328 21.47 3.80 -16.65
C GLY A 328 20.94 4.94 -17.49
N ASN A 329 20.05 5.75 -16.94
CA ASN A 329 19.55 6.94 -17.63
C ASN A 329 19.55 8.06 -16.58
N VAL A 330 20.62 8.86 -16.57
CA VAL A 330 20.87 9.73 -15.41
C VAL A 330 19.84 10.84 -15.31
N GLN A 331 19.26 11.27 -16.44
CA GLN A 331 18.24 12.31 -16.37
C GLN A 331 16.94 11.77 -15.80
N GLN A 332 16.67 10.48 -16.01
CA GLN A 332 15.49 9.87 -15.42
C GLN A 332 15.67 9.68 -13.92
N TRP A 333 16.80 9.10 -13.51
CA TRP A 333 17.11 8.96 -12.10
C TRP A 333 17.03 10.31 -11.38
N ALA A 334 17.43 11.39 -12.06
CA ALA A 334 17.36 12.71 -11.42
C ALA A 334 15.91 13.14 -11.17
N LEU A 335 14.98 12.74 -12.04
CA LEU A 335 13.56 12.91 -11.77
C LEU A 335 12.97 11.76 -10.96
N ARG A 336 13.82 10.86 -10.47
CA ARG A 336 13.40 9.68 -9.72
C ARG A 336 12.52 8.74 -10.54
N ASN A 337 12.71 8.72 -11.86
CA ASN A 337 12.27 7.60 -12.70
C ASN A 337 13.44 6.63 -12.77
N GLN A 338 13.28 5.44 -12.17
CA GLN A 338 14.41 4.52 -12.09
C GLN A 338 14.17 3.21 -12.84
N ILE A 339 13.17 3.17 -13.73
CA ILE A 339 12.93 1.97 -14.52
C ILE A 339 14.17 1.56 -15.31
N SER A 340 15.03 2.53 -15.67
CA SER A 340 16.28 2.20 -16.36
C SER A 340 17.19 1.29 -15.54
N GLY A 341 17.08 1.28 -14.22
CA GLY A 341 18.05 0.54 -13.41
C GLY A 341 19.45 1.09 -13.63
N CYS A 342 20.45 0.25 -13.40
CA CYS A 342 21.86 0.62 -13.45
C CYS A 342 22.63 -0.18 -14.49
N LYS A 343 23.76 0.39 -14.94
CA LYS A 343 24.72 -0.28 -15.80
C LYS A 343 26.07 -0.32 -15.12
N ARG A 344 26.87 -1.33 -15.45
CA ARG A 344 28.13 -1.52 -14.73
C ARG A 344 29.12 -0.46 -15.18
N ARG A 345 30.04 -0.11 -14.28
CA ARG A 345 30.95 0.99 -14.56
C ARG A 345 32.04 0.57 -15.54
N THR A 346 32.71 -0.53 -15.23
CA THR A 346 33.80 -1.10 -16.00
C THR A 346 33.32 -2.32 -16.78
N ARG A 347 33.86 -2.52 -17.97
CA ARG A 347 33.48 -3.68 -18.75
C ARG A 347 34.08 -4.94 -18.12
N LEU A 348 33.39 -6.07 -18.32
CA LEU A 348 33.85 -7.34 -17.81
C LEU A 348 34.91 -7.95 -18.71
N SER A 349 35.83 -8.70 -18.12
CA SER A 349 36.93 -9.36 -18.81
C SER A 349 36.75 -10.85 -18.89
N CYS A 350 35.71 -11.40 -18.25
CA CYS A 350 35.53 -12.83 -18.05
C CYS A 350 36.65 -13.34 -17.16
N ASN A 351 37.87 -13.34 -17.66
CA ASN A 351 38.99 -13.81 -16.86
C ASN A 351 39.43 -12.73 -15.88
N GLY A 352 39.74 -13.16 -14.66
CA GLY A 352 40.16 -12.24 -13.63
C GLY A 352 39.06 -11.35 -13.10
N ASP A 353 37.81 -11.60 -13.47
CA ASP A 353 36.70 -10.86 -12.88
C ASP A 353 36.54 -11.23 -11.41
N GLY A 354 35.85 -10.36 -10.67
CA GLY A 354 35.57 -10.60 -9.25
C GLY A 354 34.12 -10.39 -8.87
N PHE A 355 33.85 -10.31 -7.56
CA PHE A 355 32.49 -10.17 -7.08
C PHE A 355 32.38 -9.15 -5.97
N THR A 356 31.29 -8.39 -5.99
CA THR A 356 30.86 -7.62 -4.84
C THR A 356 29.79 -8.40 -4.08
N ARG A 357 29.90 -8.39 -2.76
CA ARG A 357 28.95 -9.09 -1.89
C ARG A 357 27.81 -8.14 -1.51
N MET A 358 26.60 -8.55 -1.85
CA MET A 358 25.39 -7.97 -1.29
C MET A 358 24.92 -8.86 -0.16
N LYS A 359 24.40 -8.24 0.89
CA LYS A 359 23.87 -9.01 1.98
C LYS A 359 22.46 -8.55 2.26
N ASN A 360 21.70 -9.41 2.92
CA ASN A 360 20.35 -9.07 3.35
C ASN A 360 19.49 -8.73 2.15
N ILE A 361 19.63 -9.53 1.12
CA ILE A 361 18.99 -9.30 -0.17
C ILE A 361 17.91 -10.35 -0.36
N LYS A 362 16.83 -9.95 -1.01
CA LYS A 362 15.95 -10.88 -1.70
C LYS A 362 16.60 -11.27 -3.03
N LEU A 363 16.93 -12.55 -3.19
CA LEU A 363 17.59 -13.05 -4.40
C LEU A 363 16.79 -12.68 -5.64
N PRO A 364 17.46 -12.36 -6.77
CA PRO A 364 16.75 -11.85 -7.94
C PRO A 364 15.97 -12.95 -8.64
N ASP A 365 15.00 -12.53 -9.47
CA ASP A 365 14.10 -13.40 -10.21
C ASP A 365 14.83 -14.57 -10.84
N THR A 366 14.32 -15.78 -10.59
CA THR A 366 15.04 -17.01 -10.86
C THR A 366 14.81 -17.62 -12.27
N ARG A 367 14.26 -16.85 -13.21
CA ARG A 367 14.05 -17.36 -14.56
C ARG A 367 15.36 -17.89 -15.18
N MET A 368 16.48 -17.21 -15.00
CA MET A 368 17.74 -17.58 -15.64
C MET A 368 18.70 -18.20 -14.65
N ALA A 369 18.17 -18.88 -13.65
CA ALA A 369 18.98 -19.41 -12.57
C ALA A 369 19.09 -20.92 -12.69
N ILE A 370 20.25 -21.43 -12.35
CA ILE A 370 20.56 -22.85 -12.35
C ILE A 370 21.05 -23.20 -10.96
N VAL A 371 20.63 -24.33 -10.43
CA VAL A 371 21.01 -24.72 -9.07
C VAL A 371 21.63 -26.10 -9.11
N ASP A 372 22.77 -26.24 -8.44
CA ASP A 372 23.43 -27.52 -8.24
C ASP A 372 23.64 -27.63 -6.73
N ARG A 373 22.89 -28.52 -6.10
CA ARG A 373 22.91 -28.58 -4.65
C ARG A 373 24.06 -29.42 -4.11
N SER A 374 24.80 -30.10 -4.99
CA SER A 374 25.89 -30.98 -4.59
C SER A 374 27.23 -30.26 -4.41
N ILE A 375 27.31 -28.96 -4.68
CA ILE A 375 28.58 -28.26 -4.63
C ILE A 375 28.45 -27.07 -3.69
N GLY A 376 29.56 -26.69 -3.08
CA GLY A 376 29.59 -25.60 -2.14
C GLY A 376 29.96 -24.28 -2.78
N LEU A 377 30.15 -23.27 -1.92
CA LEU A 377 30.22 -21.89 -2.40
C LEU A 377 31.56 -21.57 -3.07
N LYS A 378 32.67 -22.14 -2.59
CA LYS A 378 33.95 -21.87 -3.26
C LYS A 378 33.96 -22.45 -4.66
N GLU A 379 33.43 -23.67 -4.84
CA GLU A 379 33.35 -24.21 -6.19
C GLU A 379 32.33 -23.47 -7.03
N CYS A 380 31.25 -22.97 -6.41
CA CYS A 380 30.28 -22.16 -7.15
C CYS A 380 30.94 -20.93 -7.74
N GLU A 381 31.83 -20.29 -6.98
CA GLU A 381 32.52 -19.11 -7.50
C GLU A 381 33.32 -19.47 -8.76
N LYS A 382 34.09 -20.56 -8.69
CA LYS A 382 34.89 -20.99 -9.84
C LYS A 382 33.98 -21.27 -11.04
N ARG A 383 32.91 -22.04 -10.82
CA ARG A 383 32.00 -22.34 -11.92
C ARG A 383 31.41 -21.06 -12.50
N CYS A 384 31.04 -20.10 -11.65
CA CYS A 384 30.53 -18.83 -12.17
C CYS A 384 31.63 -18.04 -12.89
N LEU A 385 32.85 -18.05 -12.35
CA LEU A 385 33.93 -17.33 -13.03
C LEU A 385 34.19 -17.93 -14.40
N SER A 386 34.19 -19.27 -14.47
CA SER A 386 34.49 -20.02 -15.68
C SER A 386 33.50 -19.78 -16.82
N ASP A 387 32.33 -19.18 -16.55
CA ASP A 387 31.36 -18.87 -17.60
C ASP A 387 31.07 -17.40 -17.54
N CYS A 388 31.39 -16.68 -18.61
CA CYS A 388 31.24 -15.24 -18.62
C CYS A 388 29.79 -14.80 -18.70
N ASN A 389 28.86 -15.69 -19.06
CA ASN A 389 27.44 -15.32 -18.99
C ASN A 389 26.95 -15.20 -17.57
N CYS A 390 27.54 -15.94 -16.64
CA CYS A 390 27.19 -15.85 -15.24
C CYS A 390 27.31 -14.44 -14.68
N THR A 391 26.17 -13.82 -14.34
CA THR A 391 26.19 -12.48 -13.74
C THR A 391 26.25 -12.49 -12.22
N ALA A 392 25.92 -13.61 -11.56
CA ALA A 392 25.91 -13.64 -10.10
C ALA A 392 25.67 -15.06 -9.62
N PHE A 393 26.13 -15.34 -8.39
CA PHE A 393 25.87 -16.63 -7.78
C PHE A 393 25.53 -16.45 -6.31
N ALA A 394 24.98 -17.51 -5.72
CA ALA A 394 24.52 -17.47 -4.34
C ALA A 394 24.39 -18.88 -3.79
N ASN A 395 24.45 -19.00 -2.45
CA ASN A 395 24.19 -20.26 -1.76
C ASN A 395 22.78 -20.75 -2.06
N ALA A 396 22.63 -22.07 -2.18
CA ALA A 396 21.29 -22.60 -2.43
C ALA A 396 20.51 -22.82 -1.14
N ASP A 397 21.18 -23.14 -0.04
CA ASP A 397 20.51 -23.45 1.22
C ASP A 397 21.21 -22.72 2.37
N ILE A 398 20.44 -21.95 3.14
CA ILE A 398 21.01 -21.08 4.17
C ILE A 398 21.23 -21.77 5.51
N ARG A 399 20.63 -22.93 5.75
CA ARG A 399 20.92 -23.64 6.99
C ARG A 399 22.40 -24.02 7.04
N ASN A 400 22.87 -24.30 8.25
CA ASN A 400 24.30 -24.48 8.49
C ASN A 400 24.75 -25.87 8.08
N ARG A 401 25.86 -25.92 7.32
CA ARG A 401 26.55 -27.12 6.85
C ARG A 401 25.89 -27.73 5.62
N VAL A 402 24.58 -27.52 5.44
CA VAL A 402 23.98 -27.75 4.13
C VAL A 402 24.38 -26.62 3.20
N THR A 403 24.31 -26.88 1.90
CA THR A 403 24.81 -25.89 0.97
C THR A 403 24.23 -26.17 -0.42
N GLY A 404 24.74 -25.44 -1.39
CA GLY A 404 24.33 -25.54 -2.77
C GLY A 404 24.82 -24.31 -3.50
N CYS A 405 24.43 -24.21 -4.76
CA CYS A 405 24.96 -23.13 -5.55
C CYS A 405 23.90 -22.76 -6.57
N VAL A 406 23.55 -21.47 -6.62
CA VAL A 406 22.66 -20.93 -7.64
C VAL A 406 23.44 -19.94 -8.48
N ILE A 407 23.21 -19.97 -9.78
CA ILE A 407 23.96 -19.16 -10.72
C ILE A 407 22.96 -18.47 -11.63
N TRP A 408 23.16 -17.17 -11.84
CA TRP A 408 22.29 -16.40 -12.71
C TRP A 408 23.04 -16.03 -13.99
N THR A 409 22.32 -15.94 -15.09
CA THR A 409 22.79 -15.28 -16.30
C THR A 409 21.83 -14.16 -16.60
N GLY A 410 22.29 -13.14 -17.30
CA GLY A 410 21.42 -12.02 -17.61
C GLY A 410 21.25 -11.02 -16.47
N GLU A 411 20.40 -10.03 -16.75
CA GLU A 411 20.12 -8.96 -15.79
C GLU A 411 19.60 -9.54 -14.47
N LEU A 412 20.06 -8.97 -13.36
CA LEU A 412 19.51 -9.25 -12.04
C LEU A 412 18.28 -8.37 -11.80
N GLU A 413 17.14 -9.00 -11.53
CA GLU A 413 15.87 -8.29 -11.49
C GLU A 413 15.14 -8.49 -10.15
N ASP A 414 14.30 -7.50 -9.81
CA ASP A 414 13.33 -7.53 -8.71
C ASP A 414 13.96 -7.80 -7.35
N MET A 415 15.01 -7.05 -7.04
CA MET A 415 15.74 -7.20 -5.78
C MET A 415 15.33 -6.12 -4.77
N ARG A 416 15.50 -6.45 -3.50
CA ARG A 416 15.23 -5.54 -2.40
C ARG A 416 16.02 -6.05 -1.23
N ASN A 417 16.40 -5.15 -0.33
CA ASN A 417 17.13 -5.60 0.87
C ASN A 417 16.23 -5.57 2.11
N TYR A 418 16.81 -6.00 3.22
CA TYR A 418 16.14 -6.09 4.50
C TYR A 418 17.17 -5.74 5.56
N ALA A 419 16.71 -5.20 6.68
CA ALA A 419 17.67 -4.89 7.74
C ALA A 419 18.18 -6.15 8.42
N GLU A 420 17.41 -7.23 8.37
CA GLU A 420 17.78 -8.51 8.96
C GLU A 420 17.23 -9.63 8.08
N GLY A 421 17.94 -10.76 8.07
CA GLY A 421 17.56 -11.83 7.17
C GLY A 421 18.01 -11.51 5.75
N GLY A 422 17.27 -12.06 4.79
CA GLY A 422 17.78 -12.03 3.42
C GLY A 422 19.03 -12.91 3.32
N GLN A 423 19.69 -12.84 2.16
CA GLN A 423 20.88 -13.66 1.98
C GLN A 423 21.94 -12.90 1.22
N ASP A 424 23.09 -13.54 1.08
CA ASP A 424 24.19 -13.01 0.30
C ASP A 424 23.96 -13.31 -1.17
N LEU A 425 24.32 -12.36 -2.02
CA LEU A 425 24.35 -12.49 -3.46
C LEU A 425 25.69 -11.94 -3.94
N TYR A 426 26.44 -12.74 -4.69
CA TYR A 426 27.74 -12.33 -5.21
C TYR A 426 27.56 -11.90 -6.66
N VAL A 427 27.77 -10.61 -6.93
CA VAL A 427 27.53 -10.01 -8.24
C VAL A 427 28.86 -9.81 -8.95
N ARG A 428 28.94 -10.23 -10.22
CA ARG A 428 30.19 -10.23 -10.96
C ARG A 428 30.61 -8.81 -11.29
N LEU A 429 31.85 -8.46 -10.93
CA LEU A 429 32.39 -7.14 -11.25
C LEU A 429 33.76 -7.29 -11.91
N ALA A 430 34.08 -6.31 -12.77
CA ALA A 430 35.45 -6.15 -13.25
C ALA A 430 36.43 -6.03 -12.09
N ALA A 431 37.60 -6.67 -12.24
CA ALA A 431 38.57 -6.75 -11.14
C ALA A 431 38.94 -5.39 -10.58
N ALA A 432 38.96 -4.34 -11.41
CA ALA A 432 39.16 -2.99 -10.90
C ALA A 432 38.16 -2.66 -9.80
N ASP A 433 36.87 -2.83 -10.10
CA ASP A 433 35.78 -2.45 -9.22
C ASP A 433 35.49 -3.47 -8.10
N SER A 434 36.35 -4.45 -7.86
CA SER A 434 36.12 -5.37 -6.74
C SER A 434 37.04 -5.07 -5.59
N ASN B 33 -5.41 42.58 -22.50
CA ASN B 33 -6.84 42.33 -22.72
C ASN B 33 -7.15 40.86 -23.07
N THR B 34 -6.13 40.11 -23.50
CA THR B 34 -6.26 38.69 -23.79
C THR B 34 -5.95 37.81 -22.58
N LEU B 35 -6.02 38.37 -21.39
CA LEU B 35 -5.93 37.64 -20.13
C LEU B 35 -6.96 38.18 -19.15
N SER B 36 -7.77 39.16 -19.56
CA SER B 36 -8.70 39.85 -18.69
C SER B 36 -10.07 39.87 -19.37
N SER B 37 -11.12 40.11 -18.59
CA SER B 37 -12.47 40.10 -19.14
C SER B 37 -13.35 41.04 -18.32
N THR B 38 -14.01 41.98 -19.01
CA THR B 38 -14.72 43.09 -18.37
C THR B 38 -16.21 43.08 -18.68
N GLU B 39 -16.65 44.03 -19.52
CA GLU B 39 -17.98 43.99 -20.12
C GLU B 39 -18.19 42.73 -20.97
N SER B 40 -17.10 42.07 -21.39
CA SER B 40 -17.15 40.98 -22.35
C SER B 40 -17.79 39.74 -21.71
N LEU B 41 -17.93 38.68 -22.51
CA LEU B 41 -18.39 37.39 -22.02
C LEU B 41 -17.58 36.29 -22.69
N THR B 42 -17.40 35.18 -21.96
CA THR B 42 -16.74 33.99 -22.50
C THR B 42 -17.77 32.88 -22.68
N ILE B 43 -18.07 32.56 -23.94
CA ILE B 43 -19.04 31.51 -24.26
C ILE B 43 -18.24 30.21 -24.33
N SER B 44 -18.95 29.05 -24.37
CA SER B 44 -18.27 27.83 -24.84
C SER B 44 -17.78 27.96 -26.33
N ASN B 45 -17.99 29.19 -26.84
CA ASN B 45 -17.68 29.56 -28.23
C ASN B 45 -17.20 31.01 -28.22
N ASN B 46 -15.88 31.23 -28.26
CA ASN B 46 -14.85 30.21 -28.07
C ASN B 46 -13.56 30.87 -27.54
N ARG B 47 -13.70 31.89 -26.69
CA ARG B 47 -12.55 32.68 -26.24
C ARG B 47 -11.91 32.08 -25.00
N THR B 48 -10.58 32.15 -24.94
CA THR B 48 -9.83 31.68 -23.78
C THR B 48 -8.81 32.72 -23.37
N LEU B 49 -8.82 33.07 -22.08
CA LEU B 49 -7.76 33.90 -21.51
C LEU B 49 -6.47 33.08 -21.43
N VAL B 50 -5.35 33.79 -21.44
CA VAL B 50 -4.04 33.14 -21.42
C VAL B 50 -3.12 33.97 -20.55
N SER B 51 -2.42 33.30 -19.64
CA SER B 51 -1.65 34.00 -18.63
C SER B 51 -0.46 34.71 -19.26
N PRO B 52 -0.04 35.85 -18.68
CA PRO B 52 1.23 36.50 -19.08
C PRO B 52 2.41 35.58 -18.91
N GLY B 53 2.94 35.08 -20.03
CA GLY B 53 4.09 34.21 -20.00
C GLY B 53 3.84 32.83 -20.56
N ASP B 54 2.62 32.55 -21.01
CA ASP B 54 2.19 31.40 -21.81
C ASP B 54 1.81 30.21 -20.94
N VAL B 55 2.00 30.26 -19.62
CA VAL B 55 2.02 29.03 -18.83
C VAL B 55 0.61 28.48 -18.63
N PHE B 56 -0.38 29.32 -18.36
CA PHE B 56 -1.71 28.83 -18.03
C PHE B 56 -2.75 29.43 -18.97
N GLU B 57 -3.95 28.84 -18.96
CA GLU B 57 -4.99 29.19 -19.91
C GLU B 57 -6.34 28.83 -19.32
N LEU B 58 -7.25 29.80 -19.25
CA LEU B 58 -8.61 29.57 -18.76
C LEU B 58 -9.54 29.36 -19.95
N GLY B 59 -10.55 28.52 -19.73
CA GLY B 59 -11.54 28.30 -20.78
C GLY B 59 -12.56 27.25 -20.38
N PHE B 60 -13.26 26.72 -21.37
CA PHE B 60 -14.18 25.61 -21.20
C PHE B 60 -13.54 24.31 -21.71
N PHE B 61 -14.11 23.18 -21.30
CA PHE B 61 -13.61 21.88 -21.73
C PHE B 61 -14.61 20.80 -21.35
N THR B 62 -14.56 19.69 -22.09
CA THR B 62 -15.34 18.49 -21.79
C THR B 62 -14.37 17.31 -21.74
N PRO B 63 -14.30 16.58 -20.61
CA PRO B 63 -13.37 15.45 -20.51
C PRO B 63 -14.08 14.11 -20.76
N GLY B 64 -13.42 13.21 -21.51
CA GLY B 64 -14.01 11.94 -21.90
C GLY B 64 -15.34 12.11 -22.65
N SER B 65 -16.04 10.98 -22.76
CA SER B 65 -17.35 10.97 -23.43
C SER B 65 -18.41 11.61 -22.54
N SER B 66 -17.97 12.31 -21.49
CA SER B 66 -18.88 12.82 -20.47
C SER B 66 -19.98 13.68 -21.06
N SER B 67 -19.70 14.43 -22.13
CA SER B 67 -20.61 15.45 -22.63
C SER B 67 -21.04 16.38 -21.50
N ARG B 68 -20.10 16.65 -20.60
CA ARG B 68 -20.25 17.61 -19.51
C ARG B 68 -19.24 18.72 -19.72
N TRP B 69 -19.62 19.94 -19.34
CA TRP B 69 -18.76 21.09 -19.55
C TRP B 69 -18.42 21.75 -18.22
N TYR B 70 -17.17 22.21 -18.13
CA TYR B 70 -16.60 22.76 -16.91
C TYR B 70 -15.77 23.98 -17.28
N LEU B 71 -15.70 24.92 -16.35
CA LEU B 71 -14.81 26.06 -16.48
C LEU B 71 -13.55 25.81 -15.66
N GLY B 72 -12.38 25.91 -16.31
CA GLY B 72 -11.18 25.52 -15.60
C GLY B 72 -9.94 26.14 -16.20
N ILE B 73 -8.82 25.91 -15.51
CA ILE B 73 -7.51 26.40 -15.95
C ILE B 73 -6.62 25.19 -16.19
N TRP B 74 -5.75 25.30 -17.20
CA TRP B 74 -4.85 24.21 -17.54
C TRP B 74 -3.49 24.77 -17.93
N TYR B 75 -2.53 23.87 -18.07
CA TYR B 75 -1.25 24.26 -18.64
C TYR B 75 -1.43 24.45 -20.15
N LYS B 76 -1.19 25.67 -20.62
CA LYS B 76 -1.46 25.96 -22.04
C LYS B 76 -0.55 25.14 -22.94
N LYS B 77 0.73 25.07 -22.60
CA LYS B 77 1.77 24.57 -23.49
C LYS B 77 1.95 23.06 -23.43
N LEU B 78 0.92 22.30 -23.05
CA LEU B 78 1.10 20.86 -22.90
C LEU B 78 0.01 20.11 -23.65
N SER B 79 0.44 19.17 -24.50
CA SER B 79 -0.47 18.45 -25.39
C SER B 79 -1.54 17.73 -24.60
N GLU B 80 -1.14 16.99 -23.56
CA GLU B 80 -2.11 16.32 -22.69
C GLU B 80 -2.64 17.31 -21.66
N ARG B 81 -3.96 17.37 -21.52
CA ARG B 81 -4.59 18.35 -20.65
C ARG B 81 -4.34 18.00 -19.19
N THR B 82 -3.66 18.91 -18.48
CA THR B 82 -3.45 18.84 -17.04
C THR B 82 -4.15 20.05 -16.42
N TYR B 83 -5.28 19.81 -15.75
CA TYR B 83 -6.09 20.85 -15.12
C TYR B 83 -5.60 21.20 -13.70
N VAL B 84 -5.46 22.50 -13.43
CA VAL B 84 -5.06 22.97 -12.11
C VAL B 84 -6.17 23.67 -11.35
N TRP B 85 -7.28 23.99 -11.99
CA TRP B 85 -8.39 24.61 -11.27
C TRP B 85 -9.68 24.36 -12.02
N VAL B 86 -10.80 24.33 -11.31
CA VAL B 86 -12.10 24.14 -11.94
C VAL B 86 -13.15 24.88 -11.14
N ALA B 87 -13.96 25.69 -11.85
CA ALA B 87 -14.95 26.54 -11.21
C ALA B 87 -16.18 25.78 -10.72
N ASN B 88 -16.55 24.68 -11.35
CA ASN B 88 -17.85 24.07 -11.04
C ASN B 88 -17.75 22.55 -11.01
N ARG B 89 -16.68 22.03 -10.40
CA ARG B 89 -16.35 20.61 -10.46
C ARG B 89 -17.55 19.68 -10.15
N ASP B 90 -18.53 20.14 -9.37
CA ASP B 90 -19.70 19.31 -9.03
C ASP B 90 -21.02 19.98 -9.43
N ASN B 91 -20.95 21.08 -10.19
CA ASN B 91 -22.11 21.64 -10.89
C ASN B 91 -21.79 21.60 -12.38
N PRO B 92 -21.86 20.41 -13.00
CA PRO B 92 -21.43 20.29 -14.40
C PRO B 92 -22.37 21.04 -15.32
N LEU B 93 -21.80 21.80 -16.25
CA LEU B 93 -22.60 22.66 -17.11
C LEU B 93 -23.52 21.84 -18.00
N SER B 96 -25.89 22.29 -24.45
CA SER B 96 -24.46 22.45 -24.75
C SER B 96 -24.15 23.95 -24.75
N THR B 97 -24.73 24.62 -23.75
CA THR B 97 -24.61 26.05 -23.56
C THR B 97 -24.28 26.32 -22.10
N GLY B 98 -23.51 27.38 -21.89
CA GLY B 98 -23.07 27.72 -20.56
C GLY B 98 -21.95 28.72 -20.72
N THR B 99 -22.07 29.89 -20.10
CA THR B 99 -21.11 30.96 -20.29
C THR B 99 -21.03 31.75 -19.00
N LEU B 100 -19.96 32.53 -18.85
CA LEU B 100 -19.83 33.36 -17.67
C LEU B 100 -19.18 34.71 -18.02
N LYS B 101 -19.73 35.77 -17.43
CA LYS B 101 -19.21 37.13 -17.47
C LYS B 101 -19.49 37.77 -16.11
N ILE B 102 -19.48 39.10 -16.06
CA ILE B 102 -19.64 39.84 -14.80
C ILE B 102 -21.08 40.32 -14.68
N SER B 103 -21.65 40.20 -13.48
CA SER B 103 -23.05 40.55 -13.20
C SER B 103 -23.07 41.40 -11.92
N GLY B 104 -23.04 42.71 -12.11
CA GLY B 104 -22.87 43.60 -10.99
C GLY B 104 -21.45 43.52 -10.49
N ASN B 105 -21.30 43.13 -9.22
CA ASN B 105 -19.99 42.96 -8.61
C ASN B 105 -19.74 41.49 -8.30
N ASN B 106 -19.62 40.69 -9.36
CA ASN B 106 -19.50 39.23 -9.20
C ASN B 106 -19.25 38.60 -10.56
N LEU B 107 -18.51 37.48 -10.56
CA LEU B 107 -18.43 36.58 -11.71
C LEU B 107 -19.47 35.48 -11.55
N VAL B 108 -20.46 35.48 -12.42
CA VAL B 108 -21.49 34.45 -12.45
C VAL B 108 -21.19 33.56 -13.65
N LEU B 109 -21.64 32.30 -13.57
CA LEU B 109 -21.52 31.34 -14.66
C LEU B 109 -22.88 30.72 -14.90
N ARG B 110 -23.39 30.84 -16.12
CA ARG B 110 -24.69 30.28 -16.48
C ARG B 110 -24.59 29.38 -17.70
N SER B 116 -27.75 30.49 -12.67
CA SER B 116 -26.41 30.66 -12.11
C SER B 116 -25.92 29.30 -11.64
N ILE B 117 -25.06 28.67 -12.44
CA ILE B 117 -24.46 27.41 -12.02
C ILE B 117 -23.43 27.66 -10.92
N TRP B 118 -22.72 28.79 -10.98
CA TRP B 118 -21.68 29.12 -10.01
C TRP B 118 -21.46 30.62 -10.01
N SER B 119 -21.18 31.20 -8.85
CA SER B 119 -20.92 32.63 -8.79
C SER B 119 -20.08 32.99 -7.57
N THR B 120 -19.33 34.08 -7.71
CA THR B 120 -18.53 34.66 -6.63
C THR B 120 -19.39 35.65 -5.85
N ASN B 121 -19.95 35.19 -4.72
CA ASN B 121 -20.71 36.09 -3.85
C ASN B 121 -19.77 37.12 -3.20
N SER B 129 -19.02 49.16 -9.10
CA SER B 129 -17.82 49.76 -9.68
C SER B 129 -17.24 48.82 -10.77
N PRO B 130 -16.38 49.37 -11.68
CA PRO B 130 -15.80 48.53 -12.73
C PRO B 130 -14.73 47.56 -12.24
N VAL B 131 -15.12 46.29 -12.13
CA VAL B 131 -14.25 45.23 -11.64
C VAL B 131 -13.87 44.33 -12.82
N VAL B 132 -12.58 44.08 -13.00
CA VAL B 132 -12.05 43.26 -14.08
C VAL B 132 -11.57 41.93 -13.50
N ALA B 133 -11.92 40.83 -14.17
CA ALA B 133 -11.42 39.50 -13.83
C ALA B 133 -10.20 39.16 -14.69
N GLU B 134 -9.07 38.87 -14.05
CA GLU B 134 -7.81 38.71 -14.74
C GLU B 134 -7.14 37.40 -14.31
N LEU B 135 -6.32 36.84 -15.20
CA LEU B 135 -5.59 35.59 -14.97
C LEU B 135 -4.10 35.87 -15.00
N LEU B 136 -3.44 35.79 -13.84
CA LEU B 136 -2.06 36.23 -13.75
C LEU B 136 -1.07 35.15 -14.18
N ALA B 137 0.21 35.52 -14.18
CA ALA B 137 1.31 34.69 -14.65
C ALA B 137 1.51 33.41 -13.85
N ASN B 138 0.87 33.28 -12.69
CA ASN B 138 1.02 32.10 -11.84
C ASN B 138 -0.23 31.24 -11.83
N GLY B 139 -1.19 31.52 -12.71
CA GLY B 139 -2.37 30.70 -12.82
C GLY B 139 -3.48 31.10 -11.88
N ASN B 140 -3.29 32.17 -11.13
CA ASN B 140 -4.35 32.66 -10.25
C ASN B 140 -5.30 33.53 -11.06
N PHE B 141 -6.59 33.22 -10.96
CA PHE B 141 -7.64 33.91 -11.69
C PHE B 141 -8.30 34.90 -10.73
N VAL B 142 -8.14 36.19 -11.01
CA VAL B 142 -8.37 37.26 -10.05
C VAL B 142 -9.64 38.04 -10.40
N MET B 143 -10.18 38.75 -9.40
CA MET B 143 -11.18 39.80 -9.59
C MET B 143 -10.71 41.06 -8.88
N ARG B 144 -10.37 42.10 -9.66
CA ARG B 144 -9.75 43.32 -9.14
C ARG B 144 -10.43 44.54 -9.76
N ASP B 145 -10.05 45.72 -9.30
CA ASP B 145 -10.41 46.99 -9.93
C ASP B 145 -9.23 47.51 -10.75
N SER B 146 -9.55 48.17 -11.86
CA SER B 146 -8.50 48.66 -12.76
C SER B 146 -7.81 49.93 -12.25
N ALA B 151 -0.94 46.19 -6.60
CA ALA B 151 -1.63 46.53 -5.34
C ALA B 151 -2.11 45.26 -4.64
N SER B 152 -2.60 44.31 -5.43
CA SER B 152 -3.13 43.03 -4.94
C SER B 152 -4.12 43.24 -3.79
N GLY B 153 -5.15 44.05 -4.07
CA GLY B 153 -6.30 44.13 -3.22
C GLY B 153 -7.44 43.36 -3.86
N PHE B 154 -7.13 42.15 -4.34
CA PHE B 154 -8.11 41.35 -5.05
C PHE B 154 -9.37 41.16 -4.22
N LEU B 155 -10.49 40.98 -4.92
CA LEU B 155 -11.75 40.69 -4.26
C LEU B 155 -12.06 39.21 -4.23
N TRP B 156 -11.41 38.44 -5.11
CA TRP B 156 -11.64 37.01 -5.18
C TRP B 156 -10.46 36.38 -5.91
N GLN B 157 -10.00 35.24 -5.39
CA GLN B 157 -8.95 34.45 -6.00
C GLN B 157 -9.46 33.04 -6.29
N SER B 158 -8.95 32.44 -7.35
CA SER B 158 -9.16 31.01 -7.53
C SER B 158 -8.27 30.23 -6.56
N PHE B 159 -7.05 30.72 -6.36
CA PHE B 159 -6.15 30.20 -5.34
C PHE B 159 -6.80 29.95 -3.98
N ASP B 160 -7.80 30.76 -3.60
CA ASP B 160 -8.45 30.52 -2.32
C ASP B 160 -9.45 29.36 -2.39
N TYR B 161 -9.58 28.72 -3.54
CA TYR B 161 -10.61 27.71 -3.76
C TYR B 161 -9.98 26.55 -4.54
N PRO B 162 -9.05 25.82 -3.92
CA PRO B 162 -8.31 24.81 -4.66
C PRO B 162 -9.17 23.59 -4.94
N THR B 163 -8.83 22.89 -6.01
CA THR B 163 -9.48 21.61 -6.24
C THR B 163 -8.60 20.51 -5.68
N ASP B 164 -7.79 19.88 -6.54
CA ASP B 164 -6.97 18.77 -6.11
C ASP B 164 -5.48 19.09 -6.18
N THR B 165 -5.13 20.31 -6.57
CA THR B 165 -3.77 20.64 -6.96
C THR B 165 -3.29 21.94 -6.32
N LEU B 166 -2.02 21.95 -5.90
CA LEU B 166 -1.33 23.12 -5.36
C LEU B 166 -0.24 23.51 -6.34
N LEU B 167 -0.38 24.66 -6.99
CA LEU B 167 0.66 25.20 -7.86
C LEU B 167 1.67 25.98 -7.04
N PRO B 168 2.81 26.35 -7.63
CA PRO B 168 3.70 27.29 -6.96
C PRO B 168 2.95 28.56 -6.59
N GLU B 169 3.26 29.08 -5.40
CA GLU B 169 2.72 30.31 -4.79
C GLU B 169 1.27 30.17 -4.33
N MET B 170 0.63 29.03 -4.56
CA MET B 170 -0.63 28.77 -3.89
C MET B 170 -0.36 28.41 -2.42
N LYS B 171 -1.39 28.58 -1.58
CA LYS B 171 -1.26 28.48 -0.13
C LYS B 171 -2.09 27.32 0.38
N LEU B 172 -1.41 26.30 0.92
CA LEU B 172 -2.11 25.16 1.54
C LEU B 172 -2.18 25.43 3.05
N GLY B 173 -3.37 25.80 3.52
CA GLY B 173 -3.53 26.18 4.91
C GLY B 173 -4.70 27.14 5.07
N TYR B 174 -4.77 27.79 6.22
CA TYR B 174 -5.96 28.59 6.51
C TYR B 174 -5.61 30.02 6.83
N ASP B 175 -6.65 30.85 6.77
CA ASP B 175 -6.58 32.29 7.00
C ASP B 175 -7.44 32.58 8.23
N LEU B 176 -6.81 33.10 9.29
CA LEU B 176 -7.55 33.38 10.52
C LEU B 176 -8.47 34.58 10.37
N LYS B 177 -8.08 35.57 9.56
CA LYS B 177 -8.89 36.76 9.36
C LYS B 177 -10.21 36.39 8.69
N THR B 178 -10.16 35.67 7.58
CA THR B 178 -11.36 35.34 6.85
C THR B 178 -12.05 34.08 7.34
N GLY B 179 -11.31 33.17 8.00
CA GLY B 179 -11.84 31.89 8.43
C GLY B 179 -11.78 30.76 7.41
N ARG B 180 -11.21 30.99 6.23
CA ARG B 180 -11.22 30.01 5.15
C ARG B 180 -10.01 29.08 5.25
N ASN B 181 -10.27 27.79 5.20
CA ASN B 181 -9.22 26.78 5.14
C ASN B 181 -9.10 26.25 3.71
N ARG B 182 -7.95 26.46 3.08
CA ARG B 182 -7.70 26.05 1.70
C ARG B 182 -7.05 24.66 1.68
N PHE B 183 -7.82 23.64 1.28
CA PHE B 183 -7.33 22.26 1.23
C PHE B 183 -7.64 21.59 -0.11
N LEU B 184 -6.85 20.56 -0.42
CA LEU B 184 -7.01 19.78 -1.64
C LEU B 184 -8.07 18.71 -1.48
N THR B 185 -8.90 18.55 -2.51
CA THR B 185 -9.88 17.48 -2.60
C THR B 185 -9.67 16.73 -3.90
N SER B 186 -9.57 15.42 -3.81
CA SER B 186 -9.30 14.62 -4.99
C SER B 186 -10.47 14.67 -5.97
N SER B 187 -10.15 14.54 -7.26
CA SER B 187 -11.19 14.28 -8.26
C SER B 187 -11.60 12.81 -8.20
N ARG B 188 -12.72 12.48 -8.85
CA ARG B 188 -13.21 11.10 -8.80
C ARG B 188 -12.33 10.16 -9.60
N ASN B 189 -11.79 10.61 -10.74
CA ASN B 189 -10.83 9.85 -11.56
C ASN B 189 -10.29 10.80 -12.62
N SER B 190 -9.50 10.25 -13.55
CA SER B 190 -8.74 11.07 -14.50
C SER B 190 -9.62 11.79 -15.50
N ASP B 191 -10.76 11.22 -15.88
CA ASP B 191 -11.65 11.83 -16.87
C ASP B 191 -12.89 12.42 -16.22
N ASP B 192 -12.92 12.51 -14.90
CA ASP B 192 -14.05 13.08 -14.17
C ASP B 192 -13.48 13.97 -13.07
N PRO B 193 -13.53 15.30 -13.24
CA PRO B 193 -13.00 16.21 -12.20
C PRO B 193 -13.95 16.50 -11.04
N SER B 194 -15.08 15.80 -10.92
CA SER B 194 -15.93 16.03 -9.76
C SER B 194 -15.26 15.51 -8.48
N SER B 195 -15.84 15.86 -7.34
CA SER B 195 -15.15 15.66 -6.07
C SER B 195 -15.06 14.19 -5.72
N GLY B 196 -13.85 13.75 -5.40
CA GLY B 196 -13.59 12.40 -4.93
C GLY B 196 -13.80 12.24 -3.43
N ASP B 197 -13.21 11.19 -2.89
CA ASP B 197 -13.39 10.85 -1.47
C ASP B 197 -12.22 11.27 -0.60
N TYR B 198 -11.21 11.92 -1.16
CA TYR B 198 -9.98 12.17 -0.42
C TYR B 198 -9.69 13.67 -0.37
N SER B 199 -9.20 14.09 0.78
CA SER B 199 -8.76 15.46 0.97
C SER B 199 -7.46 15.44 1.76
N TYR B 200 -6.70 16.53 1.57
CA TYR B 200 -5.48 16.79 2.31
C TYR B 200 -5.63 18.17 2.93
N LYS B 201 -5.77 18.22 4.27
CA LYS B 201 -6.22 19.44 4.95
C LYS B 201 -5.42 19.75 6.20
N LEU B 202 -4.95 21.00 6.29
CA LEU B 202 -4.32 21.53 7.49
C LEU B 202 -5.33 21.61 8.64
N GLU B 203 -4.95 21.04 9.79
CA GLU B 203 -5.80 21.06 10.98
C GLU B 203 -5.47 22.32 11.79
N PRO B 204 -6.42 23.23 11.99
CA PRO B 204 -6.14 24.40 12.84
C PRO B 204 -6.03 23.97 14.30
N ARG B 205 -4.87 24.21 14.87
CA ARG B 205 -4.62 23.90 16.27
C ARG B 205 -3.37 24.68 16.68
N ARG B 206 -3.00 24.54 17.96
CA ARG B 206 -1.84 25.28 18.46
C ARG B 206 -0.56 24.87 17.75
N LEU B 207 -0.43 23.59 17.42
CA LEU B 207 0.65 23.07 16.59
C LEU B 207 0.03 22.38 15.38
N PRO B 208 -0.16 23.10 14.27
CA PRO B 208 -0.90 22.55 13.14
C PRO B 208 -0.11 21.44 12.45
N GLU B 209 -0.86 20.48 11.89
CA GLU B 209 -0.32 19.45 11.03
C GLU B 209 -1.39 19.07 10.02
N PHE B 210 -0.97 18.46 8.92
CA PHE B 210 -1.89 18.05 7.85
C PHE B 210 -2.46 16.65 8.11
N TYR B 211 -3.67 16.42 7.65
CA TYR B 211 -4.21 15.06 7.61
C TYR B 211 -4.69 14.77 6.20
N LEU B 212 -4.49 13.52 5.78
CA LEU B 212 -5.12 12.99 4.58
C LEU B 212 -6.35 12.24 5.03
N LEU B 213 -7.53 12.67 4.57
CA LEU B 213 -8.77 12.02 4.97
C LEU B 213 -9.41 11.29 3.79
N GLN B 214 -10.05 10.16 4.11
CA GLN B 214 -10.99 9.49 3.22
C GLN B 214 -12.39 9.74 3.79
N GLY B 215 -13.13 10.65 3.17
CA GLY B 215 -14.31 11.16 3.84
C GLY B 215 -13.84 11.96 5.04
N ASP B 216 -14.27 11.53 6.22
CA ASP B 216 -13.85 12.10 7.49
C ASP B 216 -12.91 11.21 8.27
N VAL B 217 -12.45 10.11 7.66
CA VAL B 217 -11.56 9.15 8.30
C VAL B 217 -10.11 9.59 8.06
N ARG B 218 -9.34 9.69 9.14
CA ARG B 218 -7.94 10.06 9.01
C ARG B 218 -7.12 8.85 8.56
N GLU B 219 -6.49 8.96 7.42
CA GLU B 219 -5.66 7.87 6.92
C GLU B 219 -4.19 8.10 7.17
N HIS B 220 -3.77 9.35 7.30
CA HIS B 220 -2.36 9.68 7.33
C HIS B 220 -2.19 11.10 7.87
N ARG B 221 -1.07 11.31 8.54
CA ARG B 221 -0.81 12.56 9.25
C ARG B 221 0.59 13.03 8.91
N SER B 222 0.72 14.30 8.53
CA SER B 222 2.01 14.80 8.06
C SER B 222 3.03 14.91 9.17
N GLY B 223 2.59 15.11 10.41
CA GLY B 223 3.49 15.58 11.44
C GLY B 223 3.61 17.10 11.41
N PRO B 224 4.09 17.68 12.50
CA PRO B 224 4.24 19.14 12.57
C PRO B 224 5.45 19.63 11.79
N TRP B 225 5.43 20.92 11.51
CA TRP B 225 6.58 21.58 10.89
C TRP B 225 7.70 21.72 11.90
N ASN B 226 8.93 21.54 11.45
CA ASN B 226 10.09 21.58 12.34
C ASN B 226 11.04 22.71 11.99
N GLY B 227 10.60 23.67 11.18
CA GLY B 227 11.47 24.65 10.62
C GLY B 227 11.84 24.38 9.18
N ILE B 228 11.94 23.11 8.77
CA ILE B 228 12.45 22.78 7.44
C ILE B 228 11.39 22.03 6.65
N GLN B 229 10.64 21.18 7.33
CA GLN B 229 9.80 20.23 6.62
C GLN B 229 8.80 19.59 7.57
N PHE B 230 7.74 19.03 6.97
CA PHE B 230 6.89 18.01 7.55
C PHE B 230 7.38 16.63 7.13
N SER B 231 7.52 15.71 8.10
CA SER B 231 7.99 14.35 7.79
C SER B 231 7.16 13.66 6.70
N GLY B 232 5.88 13.99 6.57
CA GLY B 232 5.02 13.37 5.58
C GLY B 232 4.75 14.17 4.33
N ILE B 233 5.46 15.29 4.12
CA ILE B 233 5.55 15.98 2.83
C ILE B 233 7.02 15.92 2.47
N PRO B 234 7.50 14.81 1.97
CA PRO B 234 8.95 14.53 1.96
C PRO B 234 9.69 15.25 0.83
N GLU B 235 9.70 16.57 0.90
CA GLU B 235 10.32 17.37 -0.16
C GLU B 235 11.80 17.09 -0.29
N ASP B 236 12.34 17.28 -1.50
CA ASP B 236 13.78 17.21 -1.73
C ASP B 236 14.39 18.52 -1.27
N GLN B 237 15.13 18.48 -0.14
CA GLN B 237 15.63 19.72 0.45
C GLN B 237 16.80 20.31 -0.32
N LYS B 238 17.44 19.54 -1.19
CA LYS B 238 18.53 20.03 -2.02
C LYS B 238 18.08 20.30 -3.45
N SER B 239 16.77 20.37 -3.69
CA SER B 239 16.26 20.68 -5.02
C SER B 239 16.87 21.97 -5.54
N SER B 240 17.16 22.01 -6.84
CA SER B 240 17.78 23.16 -7.47
C SER B 240 16.77 24.08 -8.13
N TYR B 241 15.51 23.68 -8.20
CA TYR B 241 14.49 24.47 -8.88
C TYR B 241 13.29 24.79 -7.99
N MET B 242 13.36 24.52 -6.70
CA MET B 242 12.23 24.65 -5.80
C MET B 242 12.74 25.08 -4.43
N VAL B 243 11.94 25.92 -3.76
CA VAL B 243 12.07 26.19 -2.33
C VAL B 243 10.69 26.06 -1.71
N TYR B 244 10.66 25.73 -0.43
CA TYR B 244 9.42 25.43 0.29
C TYR B 244 9.27 26.34 1.50
N ASN B 245 8.03 26.67 1.84
CA ASN B 245 7.85 27.54 2.98
C ASN B 245 6.60 27.19 3.77
N PHE B 246 6.71 27.32 5.09
CA PHE B 246 5.56 27.23 5.98
C PHE B 246 5.42 28.56 6.70
N THR B 247 4.36 29.27 6.36
CA THR B 247 4.10 30.57 6.95
C THR B 247 3.19 30.36 8.14
N GLU B 248 3.57 30.89 9.30
CA GLU B 248 2.73 30.74 10.48
C GLU B 248 2.75 32.04 11.26
N ASN B 249 1.62 32.74 11.29
CA ASN B 249 1.57 33.99 12.02
C ASN B 249 0.13 34.23 12.42
N SER B 250 -0.18 35.47 12.78
CA SER B 250 -1.44 35.78 13.44
C SER B 250 -2.59 35.92 12.47
N GLU B 251 -2.33 35.88 11.16
CA GLU B 251 -3.41 35.93 10.19
C GLU B 251 -3.51 34.70 9.28
N GLU B 252 -2.40 34.04 8.95
CA GLU B 252 -2.51 32.83 8.14
C GLU B 252 -1.44 31.82 8.53
N VAL B 253 -1.78 30.54 8.39
CA VAL B 253 -0.80 29.46 8.47
C VAL B 253 -0.98 28.59 7.24
N ALA B 254 0.11 28.42 6.48
CA ALA B 254 -0.02 27.82 5.17
C ALA B 254 1.33 27.34 4.68
N TYR B 255 1.30 26.24 3.94
CA TYR B 255 2.46 25.75 3.20
C TYR B 255 2.40 26.27 1.78
N THR B 256 3.58 26.58 1.22
CA THR B 256 3.74 27.07 -0.15
C THR B 256 5.08 26.59 -0.69
N PHE B 257 5.18 26.46 -2.01
CA PHE B 257 6.48 26.25 -2.64
C PHE B 257 6.62 27.18 -3.84
N ARG B 258 7.85 27.37 -4.29
CA ARG B 258 8.16 28.32 -5.34
C ARG B 258 9.25 27.75 -6.22
N MET B 259 9.15 28.03 -7.53
CA MET B 259 10.17 27.59 -8.47
C MET B 259 11.35 28.54 -8.47
N THR B 260 12.56 27.98 -8.33
CA THR B 260 13.85 28.62 -8.54
C THR B 260 14.27 28.64 -10.03
N ASN B 261 13.54 27.93 -10.89
CA ASN B 261 13.89 27.80 -12.30
C ASN B 261 12.60 27.45 -13.02
N ASN B 262 12.19 28.27 -13.98
CA ASN B 262 10.88 28.09 -14.58
C ASN B 262 10.95 27.33 -15.90
N SER B 263 12.07 26.65 -16.18
CA SER B 263 12.01 25.62 -17.19
C SER B 263 11.28 24.37 -16.68
N PHE B 264 11.19 24.19 -15.36
CA PHE B 264 10.45 23.10 -14.76
C PHE B 264 9.03 23.54 -14.41
N TYR B 265 8.09 22.60 -14.49
CA TYR B 265 6.82 22.72 -13.80
C TYR B 265 6.79 21.73 -12.64
N SER B 266 6.13 22.11 -11.55
CA SER B 266 5.91 21.17 -10.46
C SER B 266 4.60 21.48 -9.76
N ARG B 267 4.00 20.45 -9.19
CA ARG B 267 2.75 20.63 -8.47
C ARG B 267 2.61 19.55 -7.41
N LEU B 268 1.63 19.76 -6.54
CA LEU B 268 1.16 18.77 -5.59
C LEU B 268 -0.27 18.44 -5.96
N THR B 269 -0.55 17.17 -6.21
CA THR B 269 -1.91 16.72 -6.44
C THR B 269 -2.18 15.51 -5.55
N ILE B 270 -3.36 15.45 -4.98
CA ILE B 270 -3.80 14.25 -4.29
C ILE B 270 -4.66 13.48 -5.29
N ASN B 271 -4.20 12.29 -5.68
CA ASN B 271 -4.76 11.60 -6.83
C ASN B 271 -6.02 10.83 -6.43
N SER B 272 -6.67 10.19 -7.40
CA SER B 272 -8.01 9.67 -7.16
C SER B 272 -8.05 8.53 -6.15
N GLU B 273 -6.91 7.90 -5.89
CA GLU B 273 -6.87 6.83 -4.91
C GLU B 273 -6.38 7.33 -3.56
N GLY B 274 -6.09 8.63 -3.45
CA GLY B 274 -5.87 9.26 -2.18
C GLY B 274 -4.42 9.21 -1.78
N TYR B 275 -3.55 9.38 -2.76
CA TYR B 275 -2.14 9.59 -2.48
C TYR B 275 -1.82 11.03 -2.85
N LEU B 276 -1.09 11.69 -1.97
CA LEU B 276 -0.54 12.99 -2.27
C LEU B 276 0.79 12.76 -2.97
N GLU B 277 0.97 13.39 -4.15
CA GLU B 277 2.22 13.29 -4.90
C GLU B 277 2.68 14.66 -5.36
N ARG B 278 4.00 14.81 -5.49
CA ARG B 278 4.64 15.88 -6.24
C ARG B 278 4.98 15.38 -7.64
N LEU B 279 4.43 16.02 -8.65
CA LEU B 279 4.74 15.69 -10.04
C LEU B 279 5.56 16.83 -10.62
N THR B 280 6.71 16.51 -11.16
CA THR B 280 7.58 17.50 -11.78
C THR B 280 7.70 17.24 -13.28
N TRP B 281 7.55 18.31 -14.07
CA TRP B 281 7.75 18.26 -15.53
C TRP B 281 9.12 18.84 -15.88
N ALA B 282 10.02 17.97 -16.29
CA ALA B 282 11.28 18.54 -16.75
C ALA B 282 11.28 18.65 -18.28
N PRO B 283 12.01 19.65 -18.82
CA PRO B 283 12.18 19.79 -20.27
C PRO B 283 12.72 18.54 -20.92
N SER B 284 13.45 17.72 -20.15
CA SER B 284 14.01 16.45 -20.59
C SER B 284 13.00 15.31 -20.66
N SER B 285 11.72 15.63 -20.87
CA SER B 285 10.69 14.60 -20.92
C SER B 285 9.37 15.22 -21.31
N GLY B 286 8.47 14.35 -21.75
CA GLY B 286 7.18 14.79 -22.21
C GLY B 286 6.08 14.24 -21.33
N ALA B 287 6.43 13.90 -20.08
CA ALA B 287 5.45 13.42 -19.13
C ALA B 287 5.71 13.99 -17.74
N TRP B 288 4.64 14.06 -16.97
CA TRP B 288 4.73 14.35 -15.55
C TRP B 288 5.35 13.17 -14.81
N ASN B 289 6.47 13.41 -14.11
CA ASN B 289 7.12 12.39 -13.29
C ASN B 289 6.69 12.49 -11.83
N VAL B 290 6.27 11.36 -11.25
CA VAL B 290 5.94 11.32 -9.83
C VAL B 290 7.23 11.36 -9.04
N PHE B 291 7.54 12.53 -8.46
CA PHE B 291 8.80 12.70 -7.72
C PHE B 291 8.73 12.09 -6.31
N TRP B 292 7.60 12.25 -5.61
CA TRP B 292 7.42 11.52 -4.37
C TRP B 292 5.93 11.28 -4.18
N SER B 293 5.64 10.34 -3.28
CA SER B 293 4.29 9.86 -3.05
C SER B 293 4.09 9.66 -1.55
N SER B 294 2.92 10.03 -1.04
CA SER B 294 2.70 9.93 0.39
C SER B 294 1.24 9.64 0.65
N PRO B 295 0.92 8.71 1.56
CA PRO B 295 1.85 7.88 2.34
C PRO B 295 2.48 6.79 1.48
N ASN B 296 3.60 6.21 1.87
CA ASN B 296 4.14 5.13 1.05
C ASN B 296 4.64 3.95 1.87
N HIS B 297 4.18 3.84 3.12
CA HIS B 297 4.48 2.69 3.96
C HIS B 297 3.33 2.54 4.95
N GLN B 298 3.06 1.32 5.39
CA GLN B 298 1.99 1.14 6.38
C GLN B 298 2.33 1.89 7.69
N CYS B 299 3.62 2.04 7.99
CA CYS B 299 4.05 2.87 9.12
C CYS B 299 3.67 4.33 8.95
N ASP B 300 3.30 4.76 7.74
CA ASP B 300 2.78 6.10 7.55
C ASP B 300 1.28 6.14 7.69
N MET B 301 0.63 5.00 7.85
CA MET B 301 -0.82 5.03 7.99
C MET B 301 -1.18 5.43 9.40
N TYR B 302 -2.20 6.27 9.52
CA TYR B 302 -2.55 6.88 10.79
C TYR B 302 -2.76 5.83 11.86
N ARG B 303 -1.93 5.88 12.89
CA ARG B 303 -2.02 4.96 14.02
C ARG B 303 -1.92 3.51 13.58
N MET B 304 -1.06 3.25 12.58
CA MET B 304 -0.70 1.86 12.31
C MET B 304 -0.38 1.17 13.60
N CYS B 305 0.08 1.94 14.59
CA CYS B 305 0.44 1.37 15.89
C CYS B 305 -0.38 1.97 17.02
N GLY B 306 -0.31 1.32 18.18
CA GLY B 306 -1.02 1.75 19.34
C GLY B 306 -0.26 2.82 20.11
N PRO B 307 -0.92 3.43 21.09
CA PRO B 307 -0.27 4.50 21.87
C PRO B 307 0.98 4.02 22.57
N TYR B 308 1.96 4.91 22.66
CA TYR B 308 3.25 4.66 23.31
C TYR B 308 4.07 3.56 22.62
N SER B 309 3.74 3.26 21.37
CA SER B 309 4.61 2.46 20.53
C SER B 309 4.83 3.21 19.23
N TYR B 310 5.90 2.84 18.54
CA TYR B 310 6.25 3.44 17.26
C TYR B 310 6.43 2.34 16.24
N CYS B 311 5.94 2.62 15.03
CA CYS B 311 6.08 1.72 13.88
C CYS B 311 7.52 1.80 13.36
N ASP B 312 8.10 0.64 13.02
CA ASP B 312 9.48 0.62 12.51
C ASP B 312 9.55 -0.26 11.27
N VAL B 313 9.93 0.36 10.15
CA VAL B 313 9.94 -0.33 8.87
C VAL B 313 11.02 -1.42 8.78
N ASN B 314 11.96 -1.46 9.74
CA ASN B 314 13.00 -2.48 9.75
C ASN B 314 12.81 -3.54 10.84
N THR B 315 11.58 -3.79 11.34
CA THR B 315 11.40 -4.78 12.40
C THR B 315 10.19 -5.66 12.10
N SER B 316 10.23 -6.87 12.67
CA SER B 316 9.07 -7.76 12.70
C SER B 316 8.88 -8.14 14.16
N PRO B 317 7.77 -7.74 14.80
CA PRO B 317 6.68 -6.95 14.18
C PRO B 317 7.05 -5.49 14.00
N SER B 318 6.24 -4.74 13.25
CA SER B 318 6.57 -3.34 12.99
C SER B 318 6.54 -2.52 14.27
N CYS B 319 5.57 -2.82 15.12
CA CYS B 319 5.37 -2.07 16.36
C CYS B 319 6.37 -2.38 17.47
N ASN B 320 6.87 -1.31 18.09
CA ASN B 320 7.81 -1.44 19.20
C ASN B 320 7.37 -0.53 20.34
N CYS B 321 7.33 -1.08 21.54
CA CYS B 321 7.19 -0.27 22.74
C CYS B 321 8.31 0.74 22.87
N ILE B 322 7.94 1.97 23.25
CA ILE B 322 8.93 2.92 23.74
C ILE B 322 9.62 2.28 24.93
N GLN B 323 10.92 2.54 25.08
CA GLN B 323 11.67 1.99 26.21
C GLN B 323 11.05 2.44 27.53
N GLY B 324 10.84 1.49 28.44
CA GLY B 324 10.12 1.72 29.67
C GLY B 324 8.67 1.35 29.61
N PHE B 325 8.15 1.04 28.42
CA PHE B 325 6.76 0.62 28.27
C PHE B 325 6.72 -0.84 27.84
N ASN B 326 5.63 -1.50 28.19
CA ASN B 326 5.36 -2.90 27.89
C ASN B 326 4.06 -2.97 27.11
N PRO B 327 3.86 -4.04 26.32
CA PRO B 327 2.59 -4.22 25.60
C PRO B 327 1.38 -4.20 26.52
N GLY B 328 0.37 -3.41 26.15
CA GLY B 328 -0.81 -3.27 26.99
C GLY B 328 -1.59 -4.55 27.13
N ASN B 329 -1.79 -5.25 26.03
CA ASN B 329 -2.56 -6.50 26.02
C ASN B 329 -1.65 -7.56 25.42
N VAL B 330 -1.12 -8.43 26.27
CA VAL B 330 -0.06 -9.33 25.87
C VAL B 330 -0.58 -10.43 24.94
N GLN B 331 -1.83 -10.84 25.11
CA GLN B 331 -2.39 -11.87 24.25
C GLN B 331 -2.60 -11.32 22.84
N GLN B 332 -3.17 -10.11 22.74
CA GLN B 332 -3.34 -9.47 21.45
C GLN B 332 -2.00 -9.28 20.75
N TRP B 333 -0.99 -8.81 21.48
CA TRP B 333 0.30 -8.56 20.85
C TRP B 333 0.94 -9.84 20.35
N ALA B 334 0.69 -10.96 21.02
CA ALA B 334 1.31 -12.21 20.57
C ALA B 334 0.69 -12.68 19.28
N LEU B 335 -0.56 -12.30 19.02
CA LEU B 335 -1.18 -12.51 17.72
C LEU B 335 -0.92 -11.35 16.77
N ARG B 336 -0.04 -10.41 17.13
CA ARG B 336 0.29 -9.23 16.33
C ARG B 336 -0.89 -8.31 16.13
N ASN B 337 -1.85 -8.35 17.04
CA ASN B 337 -2.85 -7.29 17.15
C ASN B 337 -2.30 -6.29 18.17
N GLN B 338 -1.79 -5.15 17.70
CA GLN B 338 -1.07 -4.22 18.56
C GLN B 338 -1.84 -2.95 18.82
N ILE B 339 -3.16 -2.93 18.60
CA ILE B 339 -3.92 -1.70 18.85
C ILE B 339 -3.81 -1.25 20.31
N SER B 340 -3.58 -2.19 21.25
CA SER B 340 -3.48 -1.83 22.67
C SER B 340 -2.31 -0.90 22.95
N GLY B 341 -1.35 -0.81 22.06
CA GLY B 341 -0.23 0.04 22.41
C GLY B 341 0.56 -0.53 23.58
N CYS B 342 1.25 0.36 24.27
CA CYS B 342 2.06 -0.01 25.41
C CYS B 342 1.66 0.79 26.63
N LYS B 343 1.83 0.17 27.79
CA LYS B 343 1.61 0.80 29.09
C LYS B 343 2.96 1.00 29.77
N ARG B 344 3.09 2.06 30.58
CA ARG B 344 4.35 2.21 31.29
C ARG B 344 4.45 1.15 32.37
N ARG B 345 5.65 0.61 32.55
CA ARG B 345 5.80 -0.50 33.47
C ARG B 345 5.97 -0.04 34.91
N THR B 346 6.49 1.17 35.11
CA THR B 346 6.65 1.76 36.44
C THR B 346 5.80 3.02 36.56
N ARG B 347 4.96 3.09 37.58
CA ARG B 347 4.08 4.24 37.76
C ARG B 347 4.90 5.52 37.95
N LEU B 348 4.35 6.65 37.49
CA LEU B 348 5.05 7.93 37.61
C LEU B 348 4.92 8.49 39.02
N SER B 349 6.05 9.27 39.46
CA SER B 349 5.98 9.97 40.72
C SER B 349 5.99 11.50 40.63
N CYS B 350 5.72 12.01 39.43
CA CYS B 350 5.72 13.46 39.20
C CYS B 350 6.97 14.31 39.39
N ASN B 351 7.39 14.50 40.63
CA ASN B 351 8.66 15.17 40.93
C ASN B 351 9.65 14.03 41.02
N GLY B 352 10.72 14.24 40.48
CA GLY B 352 11.70 13.17 40.41
C GLY B 352 11.51 12.20 39.28
N ASP B 353 10.45 12.35 38.46
CA ASP B 353 10.41 11.64 37.19
C ASP B 353 11.58 12.04 36.30
N GLY B 354 11.82 11.25 35.27
CA GLY B 354 12.90 11.52 34.34
C GLY B 354 12.46 11.33 32.90
N PHE B 355 13.42 11.28 31.98
CA PHE B 355 13.08 11.19 30.57
C PHE B 355 13.99 10.21 29.85
N THR B 356 13.40 9.46 28.93
CA THR B 356 14.17 8.72 27.94
C THR B 356 14.06 9.44 26.61
N ARG B 357 15.16 9.47 25.88
CA ARG B 357 15.25 10.17 24.61
C ARG B 357 15.05 9.19 23.45
N MET B 358 14.08 9.48 22.57
CA MET B 358 13.90 8.74 21.32
C MET B 358 14.55 9.51 20.18
N LYS B 359 15.30 8.79 19.34
CA LYS B 359 15.98 9.39 18.21
C LYS B 359 15.26 9.06 16.91
N ASN B 360 15.39 9.94 15.93
CA ASN B 360 14.95 9.66 14.55
C ASN B 360 13.48 9.30 14.49
N ILE B 361 12.66 10.12 15.14
CA ILE B 361 11.25 9.79 15.28
C ILE B 361 10.42 10.86 14.59
N LYS B 362 9.23 10.47 14.18
CA LYS B 362 8.20 11.40 13.77
C LYS B 362 7.38 11.79 15.00
N LEU B 363 7.34 13.09 15.32
CA LEU B 363 6.70 13.55 16.55
C LEU B 363 5.24 13.10 16.61
N PRO B 364 4.73 12.79 17.79
CA PRO B 364 3.37 12.23 17.90
C PRO B 364 2.30 13.26 17.63
N ASP B 365 1.10 12.73 17.42
CA ASP B 365 -0.06 13.55 17.09
C ASP B 365 -0.13 14.76 18.02
N THR B 366 -0.39 15.92 17.44
CA THR B 366 -0.19 17.19 18.13
C THR B 366 -1.48 17.75 18.71
N ARG B 367 -2.56 16.97 18.73
CA ARG B 367 -3.81 17.42 19.34
C ARG B 367 -3.57 18.10 20.69
N MET B 368 -2.88 17.41 21.59
CA MET B 368 -2.68 17.91 22.96
C MET B 368 -1.27 18.41 23.21
N ALA B 369 -0.71 19.13 22.24
CA ALA B 369 0.61 19.71 22.34
C ALA B 369 0.46 21.20 22.53
N ILE B 370 1.27 21.78 23.42
CA ILE B 370 1.35 23.23 23.56
C ILE B 370 2.76 23.62 23.15
N VAL B 371 2.89 24.76 22.50
CA VAL B 371 4.18 25.24 22.04
C VAL B 371 4.53 26.54 22.77
N ASP B 372 5.81 26.67 23.12
CA ASP B 372 6.40 27.92 23.55
C ASP B 372 7.74 28.07 22.84
N ARG B 373 7.78 28.92 21.81
CA ARG B 373 8.98 29.08 21.01
C ARG B 373 10.03 29.97 21.68
N SER B 374 9.76 30.51 22.86
CA SER B 374 10.67 31.49 23.45
C SER B 374 11.66 30.89 24.45
N ILE B 375 11.54 29.61 24.77
CA ILE B 375 12.41 28.96 25.74
C ILE B 375 13.18 27.84 25.06
N GLY B 376 14.23 27.37 25.73
CA GLY B 376 15.03 26.28 25.24
C GLY B 376 14.74 24.96 25.96
N LEU B 377 15.54 23.97 25.58
CA LEU B 377 15.26 22.58 25.97
C LEU B 377 15.37 22.37 27.47
N LYS B 378 16.36 23.00 28.12
CA LYS B 378 16.50 22.82 29.57
C LYS B 378 15.27 23.33 30.30
N GLU B 379 14.78 24.51 29.91
CA GLU B 379 13.57 25.04 30.49
C GLU B 379 12.36 24.19 30.13
N CYS B 380 12.29 23.78 28.86
CA CYS B 380 11.21 22.90 28.41
C CYS B 380 11.10 21.66 29.28
N GLU B 381 12.23 21.00 29.55
CA GLU B 381 12.25 19.86 30.47
C GLU B 381 11.75 20.26 31.86
N LYS B 382 12.26 21.38 32.38
CA LYS B 382 11.80 21.89 33.68
C LYS B 382 10.28 22.06 33.68
N ARG B 383 9.77 22.69 32.62
CA ARG B 383 8.33 22.95 32.53
C ARG B 383 7.54 21.65 32.37
N CYS B 384 8.08 20.70 31.58
CA CYS B 384 7.41 19.41 31.45
C CYS B 384 7.36 18.69 32.80
N LEU B 385 8.48 18.65 33.51
CA LEU B 385 8.50 18.03 34.84
C LEU B 385 7.45 18.62 35.76
N SER B 386 7.44 19.95 35.88
CA SER B 386 6.53 20.59 36.81
C SER B 386 5.08 20.19 36.53
N ASP B 387 4.70 20.08 35.26
CA ASP B 387 3.34 19.67 34.92
C ASP B 387 3.28 18.16 35.01
N CYS B 388 2.43 17.67 35.90
CA CYS B 388 2.36 16.25 36.19
C CYS B 388 1.77 15.48 35.02
N ASN B 389 1.06 16.15 34.13
CA ASN B 389 0.42 15.51 32.99
C ASN B 389 1.24 15.59 31.72
N CYS B 390 2.35 16.33 31.73
CA CYS B 390 3.26 16.32 30.61
C CYS B 390 3.82 14.90 30.42
N THR B 391 3.58 14.32 29.26
CA THR B 391 4.11 13.00 28.96
C THR B 391 5.36 13.02 28.09
N ALA B 392 5.65 14.14 27.42
CA ALA B 392 6.79 14.21 26.52
C ALA B 392 6.99 15.63 26.07
N PHE B 393 8.24 15.94 25.68
CA PHE B 393 8.57 17.25 25.13
C PHE B 393 9.61 17.09 24.03
N ALA B 394 9.66 18.10 23.16
CA ALA B 394 10.57 18.14 22.02
C ALA B 394 10.93 19.59 21.72
N ASN B 395 11.96 19.78 20.89
CA ASN B 395 12.26 21.10 20.34
C ASN B 395 11.15 21.54 19.39
N ALA B 396 10.99 22.87 19.25
CA ALA B 396 10.05 23.43 18.28
C ALA B 396 10.66 23.63 16.90
N ASP B 397 11.93 24.00 16.84
CA ASP B 397 12.60 24.32 15.59
C ASP B 397 14.07 24.05 15.83
N ILE B 398 14.63 23.07 15.13
CA ILE B 398 15.98 22.66 15.51
C ILE B 398 17.00 23.77 15.23
N ARG B 399 16.87 24.44 14.07
CA ARG B 399 17.92 25.31 13.56
C ARG B 399 18.03 26.66 14.28
N ASN B 400 17.03 27.08 15.05
CA ASN B 400 17.07 28.35 15.76
C ASN B 400 17.92 28.27 17.04
N ARG B 401 18.53 29.41 17.40
CA ARG B 401 19.31 29.44 18.63
C ARG B 401 18.41 29.30 19.86
N VAL B 402 17.23 29.91 19.81
CA VAL B 402 16.16 29.55 20.73
C VAL B 402 15.40 28.40 20.08
N THR B 403 15.42 27.23 20.73
CA THR B 403 14.91 26.03 20.07
C THR B 403 13.43 25.85 20.24
N GLY B 404 12.81 26.57 21.18
CA GLY B 404 11.40 26.42 21.44
C GLY B 404 11.07 25.10 22.08
N CYS B 405 9.87 25.04 22.60
CA CYS B 405 9.47 23.92 23.44
C CYS B 405 8.09 23.48 22.96
N VAL B 406 7.96 22.17 22.79
CA VAL B 406 6.68 21.53 22.54
C VAL B 406 6.46 20.54 23.66
N ILE B 407 5.25 20.54 24.22
CA ILE B 407 4.89 19.66 25.33
C ILE B 407 3.59 18.92 25.01
N TRP B 408 3.58 17.63 25.27
CA TRP B 408 2.39 16.82 25.11
C TRP B 408 1.85 16.42 26.48
N THR B 409 0.54 16.44 26.59
CA THR B 409 -0.17 15.74 27.65
C THR B 409 -0.92 14.58 27.01
N GLY B 410 -1.29 13.64 27.82
CA GLY B 410 -1.99 12.53 27.23
C GLY B 410 -1.09 11.57 26.44
N GLU B 411 -1.78 10.67 25.77
CA GLU B 411 -1.17 9.54 25.07
C GLU B 411 -0.35 10.00 23.86
N LEU B 412 0.74 9.28 23.61
CA LEU B 412 1.63 9.55 22.48
C LEU B 412 1.20 8.67 21.30
N GLU B 413 0.68 9.29 20.26
CA GLU B 413 -0.01 8.56 19.22
C GLU B 413 0.65 8.74 17.84
N ASP B 414 0.50 7.71 17.02
CA ASP B 414 0.81 7.73 15.58
C ASP B 414 2.30 7.99 15.31
N MET B 415 3.16 7.20 15.92
CA MET B 415 4.57 7.44 15.79
C MET B 415 5.25 6.38 14.94
N ARG B 416 6.26 6.81 14.20
CA ARG B 416 7.12 5.90 13.47
C ARG B 416 8.51 6.47 13.57
N ASN B 417 9.52 5.64 13.32
CA ASN B 417 10.86 6.17 13.26
C ASN B 417 11.38 6.09 11.83
N TYR B 418 12.63 6.53 11.68
CA TYR B 418 13.32 6.64 10.41
C TYR B 418 14.75 6.18 10.61
N ALA B 419 15.35 5.64 9.55
CA ALA B 419 16.75 5.25 9.64
C ALA B 419 17.65 6.48 9.65
N GLU B 420 17.21 7.59 9.07
CA GLU B 420 17.95 8.85 9.04
C GLU B 420 16.95 10.00 9.14
N GLY B 421 17.34 11.08 9.81
CA GLY B 421 16.40 12.18 9.97
C GLY B 421 15.43 11.90 11.11
N GLY B 422 14.28 12.56 11.06
CA GLY B 422 13.34 12.53 12.17
C GLY B 422 13.83 13.44 13.29
N GLN B 423 13.25 13.27 14.47
CA GLN B 423 13.58 14.17 15.56
C GLN B 423 13.70 13.42 16.88
N ASP B 424 14.16 14.17 17.87
CA ASP B 424 14.20 13.73 19.25
C ASP B 424 12.86 13.94 19.94
N LEU B 425 12.53 13.03 20.83
CA LEU B 425 11.35 13.14 21.66
C LEU B 425 11.76 12.67 23.04
N TYR B 426 11.62 13.53 24.05
CA TYR B 426 11.92 13.20 25.44
C TYR B 426 10.64 12.71 26.10
N VAL B 427 10.64 11.45 26.53
CA VAL B 427 9.45 10.76 27.00
C VAL B 427 9.59 10.50 28.50
N ARG B 428 8.54 10.82 29.24
CA ARG B 428 8.58 10.82 30.69
C ARG B 428 8.52 9.42 31.25
N LEU B 429 9.46 9.12 32.14
CA LEU B 429 9.53 7.84 32.82
C LEU B 429 9.69 8.07 34.32
N ALA B 430 9.30 7.06 35.09
CA ALA B 430 9.68 7.00 36.49
C ALA B 430 11.20 6.97 36.64
N ALA B 431 11.67 7.51 37.77
CA ALA B 431 13.10 7.76 37.96
C ALA B 431 13.96 6.54 37.67
N ALA B 432 13.58 5.38 38.22
CA ALA B 432 14.26 4.12 37.93
C ALA B 432 14.51 3.94 36.44
N ASP B 433 13.41 3.81 35.67
CA ASP B 433 13.47 3.53 34.25
C ASP B 433 14.09 4.66 33.44
N SER B 434 14.07 5.88 33.97
CA SER B 434 14.68 7.00 33.27
C SER B 434 16.15 6.77 32.91
N ARG B 435 16.82 5.78 33.49
CA ARG B 435 18.18 5.43 33.11
C ARG B 435 18.26 4.76 31.74
N LEU B 436 17.13 4.25 31.23
CA LEU B 436 17.08 3.62 29.92
C LEU B 436 17.32 4.65 28.81
N ARG C 1 -15.83 16.11 16.63
CA ARG C 1 -14.52 15.48 16.49
C ARG C 1 -14.26 14.45 17.61
N CYS C 2 -14.55 13.19 17.27
CA CYS C 2 -14.29 12.03 18.10
C CYS C 2 -13.01 11.39 17.60
N THR C 3 -12.02 11.27 18.47
CA THR C 3 -10.69 10.92 18.00
C THR C 3 -10.31 9.48 18.28
N ARG C 4 -11.09 8.77 19.08
CA ARG C 4 -10.78 7.38 19.37
C ARG C 4 -10.87 6.55 18.11
N GLY C 5 -9.93 5.63 17.96
CA GLY C 5 -9.93 4.70 16.86
C GLY C 5 -8.61 3.94 16.82
N PHE C 6 -8.56 2.98 15.91
CA PHE C 6 -7.34 2.21 15.72
C PHE C 6 -7.28 1.73 14.28
N ARG C 7 -6.13 1.18 13.91
CA ARG C 7 -5.90 0.64 12.58
C ARG C 7 -5.31 -0.76 12.69
N LYS C 8 -5.62 -1.61 11.72
CA LYS C 8 -5.19 -3.01 11.71
C LYS C 8 -4.84 -3.47 10.29
N LEU C 9 -4.03 -4.51 10.24
CA LEU C 9 -3.80 -5.22 8.98
C LEU C 9 -5.06 -5.95 8.52
N GLY C 10 -5.30 -5.93 7.23
CA GLY C 10 -6.36 -6.76 6.70
C GLY C 10 -7.60 -5.97 6.39
N LYS C 11 -8.62 -6.71 5.98
CA LYS C 11 -9.88 -6.09 5.55
C LYS C 11 -10.88 -6.02 6.71
N CYS C 12 -11.81 -5.07 6.58
CA CYS C 12 -12.93 -4.99 7.51
C CYS C 12 -13.76 -6.28 7.48
N THR C 13 -14.17 -6.73 8.65
CA THR C 13 -15.09 -7.84 8.82
C THR C 13 -16.31 -7.39 9.62
N THR C 14 -17.36 -8.20 9.63
CA THR C 14 -18.53 -7.83 10.42
C THR C 14 -18.22 -7.87 11.91
N LEU C 15 -17.36 -8.80 12.36
CA LEU C 15 -16.98 -8.80 13.77
C LEU C 15 -16.16 -7.58 14.14
N GLU C 16 -15.32 -7.10 13.21
CA GLU C 16 -14.60 -5.88 13.46
C GLU C 16 -15.53 -4.68 13.49
N GLU C 17 -16.60 -4.70 12.68
CA GLU C 17 -17.59 -3.64 12.72
C GLU C 17 -18.27 -3.57 14.07
N GLU C 18 -18.50 -4.71 14.71
CA GLU C 18 -19.02 -4.70 16.07
C GLU C 18 -17.98 -4.18 17.04
N LYS C 19 -16.72 -4.51 16.81
CA LYS C 19 -15.65 -4.00 17.66
C LYS C 19 -15.51 -2.48 17.55
N CYS C 20 -15.81 -1.88 16.38
CA CYS C 20 -15.71 -0.42 16.27
C CYS C 20 -16.67 0.24 17.25
N LYS C 21 -17.80 -0.40 17.49
CA LYS C 21 -18.85 0.10 18.37
C LYS C 21 -18.43 0.18 19.83
N THR C 22 -17.29 -0.41 20.21
CA THR C 22 -16.80 -0.31 21.59
C THR C 22 -16.06 0.99 21.87
N LEU C 23 -15.80 1.82 20.87
CA LEU C 23 -14.91 2.94 21.11
C LEU C 23 -15.54 3.98 22.03
N TYR C 24 -16.82 4.29 21.81
CA TYR C 24 -17.62 5.21 22.59
C TYR C 24 -18.93 4.52 22.96
N PRO C 25 -19.54 4.89 24.08
CA PRO C 25 -20.83 4.27 24.43
C PRO C 25 -22.02 4.89 23.73
N ARG C 26 -21.85 6.07 23.14
CA ARG C 26 -22.81 6.70 22.25
C ARG C 26 -22.13 6.94 20.89
N GLY C 27 -22.95 7.19 19.88
CA GLY C 27 -22.46 7.69 18.60
C GLY C 27 -22.33 6.60 17.55
N GLN C 28 -21.96 7.08 16.34
CA GLN C 28 -21.86 6.27 15.13
C GLN C 28 -20.40 5.91 14.87
N CYS C 29 -20.07 4.64 15.06
CA CYS C 29 -18.72 4.10 14.89
C CYS C 29 -18.74 2.99 13.85
N THR C 30 -17.86 3.07 12.86
CA THR C 30 -17.82 2.06 11.81
C THR C 30 -16.39 1.76 11.36
N CYS C 31 -16.30 0.74 10.51
CA CYS C 31 -15.06 0.20 9.98
C CYS C 31 -14.88 0.72 8.55
N SER C 32 -13.68 1.19 8.23
CA SER C 32 -13.36 1.70 6.90
C SER C 32 -12.15 0.94 6.35
N ASP C 33 -12.34 0.25 5.22
CA ASP C 33 -11.22 -0.36 4.51
C ASP C 33 -10.34 0.73 3.93
N SER C 34 -9.03 0.47 3.86
CA SER C 34 -8.07 1.52 3.52
C SER C 34 -6.99 0.96 2.62
N LYS C 35 -5.99 1.78 2.31
CA LYS C 35 -4.90 1.39 1.44
C LYS C 35 -3.85 0.59 2.18
N MET C 36 -2.99 -0.08 1.40
CA MET C 36 -1.89 -0.93 1.89
C MET C 36 -2.39 -2.11 2.73
N ASN C 37 -3.62 -2.59 2.43
CA ASN C 37 -4.23 -3.69 3.17
C ASN C 37 -4.33 -3.39 4.68
N THR C 38 -4.86 -2.20 5.01
CA THR C 38 -5.24 -1.89 6.39
C THR C 38 -6.70 -1.45 6.43
N HIS C 39 -7.30 -1.58 7.61
CA HIS C 39 -8.61 -0.99 7.90
C HIS C 39 -8.55 -0.25 9.23
N SER C 40 -9.54 0.63 9.46
CA SER C 40 -9.62 1.40 10.70
C SER C 40 -11.03 1.41 11.27
N CYS C 41 -11.09 1.50 12.60
CA CYS C 41 -12.32 1.78 13.34
C CYS C 41 -12.34 3.25 13.76
N ASP C 42 -13.33 4.00 13.29
CA ASP C 42 -13.43 5.41 13.64
C ASP C 42 -14.89 5.76 13.91
N CYS C 43 -15.10 6.89 14.57
CA CYS C 43 -16.43 7.29 14.99
C CYS C 43 -16.74 8.67 14.45
N LYS C 44 -17.83 8.76 13.70
CA LYS C 44 -18.38 10.01 13.20
C LYS C 44 -19.25 10.75 14.23
N SER C 45 -19.65 10.09 15.31
CA SER C 45 -20.44 10.67 16.38
C SER C 45 -19.98 10.04 17.68
N CYS C 46 -20.14 10.77 18.79
CA CYS C 46 -19.81 10.18 20.09
C CYS C 46 -20.49 10.90 21.27
N ARG D 1 4.94 -15.59 -24.19
CA ARG D 1 4.93 -15.12 -22.81
C ARG D 1 6.00 -14.05 -22.60
N CYS D 2 5.65 -12.79 -22.87
CA CYS D 2 6.68 -11.76 -22.98
C CYS D 2 7.26 -11.42 -21.60
N THR D 3 8.45 -10.83 -21.63
CA THR D 3 9.28 -10.70 -20.44
C THR D 3 9.38 -9.25 -19.94
N ARG D 4 10.01 -8.35 -20.71
CA ARG D 4 10.34 -7.05 -20.16
C ARG D 4 9.08 -6.24 -19.87
N GLY D 5 9.30 -5.11 -19.21
CA GLY D 5 8.25 -4.31 -18.61
C GLY D 5 8.83 -3.56 -17.42
N PHE D 6 7.99 -2.73 -16.81
CA PHE D 6 8.49 -1.90 -15.73
C PHE D 6 7.36 -1.46 -14.81
N ARG D 7 7.75 -1.00 -13.62
CA ARG D 7 6.82 -0.48 -12.63
C ARG D 7 7.25 0.93 -12.25
N LYS D 8 6.26 1.81 -12.06
CA LYS D 8 6.51 3.18 -11.60
C LYS D 8 5.61 3.56 -10.44
N LEU D 9 5.99 4.64 -9.75
CA LEU D 9 5.10 5.30 -8.80
C LEU D 9 4.01 6.06 -9.53
N GLY D 10 2.81 6.02 -8.96
CA GLY D 10 1.72 6.83 -9.50
C GLY D 10 0.77 6.03 -10.37
N LYS D 11 -0.29 6.70 -10.80
CA LYS D 11 -1.32 6.08 -11.60
C LYS D 11 -0.97 6.12 -13.09
N CYS D 12 -1.66 5.28 -13.87
CA CYS D 12 -1.52 5.27 -15.33
C CYS D 12 -2.03 6.57 -15.94
N THR D 13 -1.26 7.12 -16.87
CA THR D 13 -1.72 8.22 -17.71
C THR D 13 -1.66 7.82 -19.18
N THR D 14 -2.38 8.58 -20.01
CA THR D 14 -2.33 8.39 -21.46
C THR D 14 -0.89 8.39 -21.98
N LEU D 15 -0.09 9.38 -21.57
CA LEU D 15 1.32 9.37 -21.91
C LEU D 15 2.01 8.10 -21.43
N GLU D 16 1.52 7.52 -20.34
CA GLU D 16 2.15 6.32 -19.83
C GLU D 16 1.77 5.12 -20.68
N GLU D 17 0.51 5.08 -21.13
CA GLU D 17 0.07 4.04 -22.05
C GLU D 17 0.90 4.03 -23.32
N GLU D 18 1.26 5.22 -23.83
CA GLU D 18 2.03 5.28 -25.07
C GLU D 18 3.45 4.76 -24.86
N LYS D 19 4.17 5.34 -23.88
CA LYS D 19 5.52 4.86 -23.58
C LYS D 19 5.52 3.35 -23.34
N CYS D 20 4.36 2.78 -23.00
CA CYS D 20 4.25 1.33 -22.84
C CYS D 20 4.46 0.60 -24.16
N LYS D 21 3.86 1.12 -25.25
CA LYS D 21 3.92 0.44 -26.54
C LYS D 21 5.34 0.38 -27.10
N THR D 22 6.11 1.46 -26.94
CA THR D 22 7.45 1.50 -27.49
C THR D 22 8.40 0.45 -26.90
N LEU D 23 7.89 -0.41 -26.02
CA LEU D 23 8.71 -1.48 -25.46
C LEU D 23 8.96 -2.55 -26.52
N TYR D 24 7.89 -3.23 -26.90
CA TYR D 24 7.86 -4.11 -28.08
C TYR D 24 6.65 -3.68 -28.89
N PRO D 25 6.84 -2.83 -29.91
CA PRO D 25 5.67 -2.32 -30.66
C PRO D 25 4.93 -3.43 -31.40
N ARG D 26 5.62 -4.54 -31.72
CA ARG D 26 4.93 -5.72 -32.20
C ARG D 26 3.90 -6.23 -31.18
N GLY D 27 4.32 -6.44 -29.93
CA GLY D 27 3.46 -7.03 -28.92
C GLY D 27 2.39 -6.08 -28.40
N GLN D 28 1.52 -6.62 -27.55
CA GLN D 28 0.42 -5.85 -26.95
C GLN D 28 0.84 -5.41 -25.56
N CYS D 29 1.37 -4.19 -25.47
CA CYS D 29 1.77 -3.59 -24.21
C CYS D 29 0.63 -2.75 -23.64
N THR D 30 0.41 -2.90 -22.33
CA THR D 30 -0.60 -2.09 -21.67
C THR D 30 -0.11 -1.68 -20.28
N CYS D 31 -0.63 -0.53 -19.84
CA CYS D 31 -0.35 0.06 -18.54
C CYS D 31 -1.41 -0.43 -17.56
N SER D 32 -0.97 -1.03 -16.45
CA SER D 32 -1.89 -1.58 -15.46
C SER D 32 -1.78 -0.81 -14.15
N ASP D 33 -2.90 -0.29 -13.67
CA ASP D 33 -2.92 0.35 -12.35
C ASP D 33 -2.81 -0.70 -11.25
N SER D 34 -1.94 -0.46 -10.28
CA SER D 34 -1.75 -1.43 -9.22
C SER D 34 -1.90 -0.83 -7.84
N LYS D 35 -1.74 -1.68 -6.83
CA LYS D 35 -1.85 -1.26 -5.45
C LYS D 35 -0.59 -0.50 -5.03
N MET D 36 -0.68 0.16 -3.88
CA MET D 36 0.40 0.95 -3.30
C MET D 36 0.84 2.12 -4.18
N ASN D 37 -0.13 2.70 -4.88
CA ASN D 37 0.13 3.79 -5.80
C ASN D 37 1.25 3.46 -6.79
N THR D 38 1.15 2.30 -7.43
CA THR D 38 2.04 1.95 -8.53
C THR D 38 1.22 1.54 -9.75
N HIS D 39 1.86 1.67 -10.91
CA HIS D 39 1.36 1.08 -12.12
C HIS D 39 2.51 0.33 -12.79
N SER D 40 2.16 -0.67 -13.61
CA SER D 40 3.17 -1.41 -14.35
C SER D 40 2.86 -1.41 -15.84
N CYS D 41 3.92 -1.42 -16.64
CA CYS D 41 3.84 -1.66 -18.07
C CYS D 41 4.17 -3.13 -18.36
N ASP D 42 3.23 -3.85 -18.98
CA ASP D 42 3.47 -5.24 -19.34
C ASP D 42 2.96 -5.56 -20.74
N CYS D 43 3.79 -6.25 -21.53
CA CYS D 43 3.45 -6.63 -22.89
C CYS D 43 3.14 -8.12 -23.00
N LYS D 44 1.95 -8.44 -23.51
CA LYS D 44 1.47 -9.82 -23.54
C LYS D 44 2.16 -10.63 -24.63
N SER D 45 1.79 -10.38 -25.89
CA SER D 45 2.28 -11.18 -27.01
C SER D 45 3.76 -10.90 -27.27
N CYS D 46 4.47 -11.93 -27.72
CA CYS D 46 5.91 -11.86 -28.01
C CYS D 46 6.37 -13.15 -28.67
#